data_7UWZ
#
_entry.id   7UWZ
#
_entity_poly.entity_id   1
_entity_poly.type   'polypeptide(L)'
_entity_poly.pdbx_seq_one_letter_code
;MDGFDRGADVTYTDSDGSKKTYKVLSYSGDKVTVQDSDGRTLTFDARLLRVKKWLEHHHHHH
;
_entity_poly.pdbx_strand_id   A
#
# COMPACT_ATOMS: atom_id res chain seq x y z
N MET A 1 4.39 10.13 -8.39
CA MET A 1 4.43 10.32 -6.94
C MET A 1 3.03 10.63 -6.44
N ASP A 2 2.42 9.69 -5.72
CA ASP A 2 1.03 9.85 -5.26
C ASP A 2 0.94 10.17 -3.78
N GLY A 3 2.04 10.06 -3.07
CA GLY A 3 2.02 10.34 -1.66
C GLY A 3 2.18 9.09 -0.79
N PHE A 4 2.72 8.04 -1.36
CA PHE A 4 3.01 6.84 -0.59
C PHE A 4 4.35 7.00 0.10
N ASP A 5 4.45 6.56 1.33
CA ASP A 5 5.68 6.70 2.10
C ASP A 5 6.24 5.35 2.43
N ARG A 6 7.47 5.30 2.87
CA ARG A 6 8.03 4.05 3.29
C ARG A 6 7.41 3.60 4.62
N GLY A 7 7.11 2.33 4.70
CA GLY A 7 6.51 1.78 5.89
C GLY A 7 5.02 2.02 5.93
N ALA A 8 4.49 2.72 4.92
CA ALA A 8 3.08 3.10 4.86
C ALA A 8 2.20 1.88 4.75
N ASP A 9 1.10 1.92 5.47
CA ASP A 9 0.11 0.85 5.46
C ASP A 9 -0.85 1.02 4.32
N VAL A 10 -0.86 0.08 3.44
CA VAL A 10 -1.76 0.08 2.32
C VAL A 10 -2.65 -1.14 2.42
N THR A 11 -3.85 -1.04 1.94
CA THR A 11 -4.76 -2.13 2.01
C THR A 11 -4.91 -2.79 0.66
N TYR A 12 -4.72 -4.06 0.66
CA TYR A 12 -4.83 -4.88 -0.51
C TYR A 12 -5.74 -6.03 -0.23
N THR A 13 -6.65 -6.29 -1.12
CA THR A 13 -7.53 -7.39 -0.97
C THR A 13 -7.30 -8.37 -2.12
N ASP A 14 -6.98 -9.60 -1.78
CA ASP A 14 -6.76 -10.63 -2.80
C ASP A 14 -8.03 -11.08 -3.42
N SER A 15 -7.90 -11.91 -4.44
CA SER A 15 -9.03 -12.48 -5.15
C SER A 15 -9.83 -13.37 -4.18
N ASP A 16 -9.13 -13.91 -3.19
CA ASP A 16 -9.72 -14.82 -2.18
C ASP A 16 -10.53 -14.00 -1.15
N GLY A 17 -10.44 -12.69 -1.25
CA GLY A 17 -11.14 -11.82 -0.34
C GLY A 17 -10.31 -11.47 0.86
N SER A 18 -9.08 -11.93 0.84
CA SER A 18 -8.13 -11.71 1.91
C SER A 18 -7.74 -10.24 1.95
N LYS A 19 -8.03 -9.61 3.04
CA LYS A 19 -7.73 -8.22 3.23
C LYS A 19 -6.43 -8.14 3.99
N LYS A 20 -5.42 -7.70 3.33
CA LYS A 20 -4.12 -7.68 3.89
C LYS A 20 -3.53 -6.29 3.82
N THR A 21 -2.74 -5.92 4.78
CA THR A 21 -2.17 -4.62 4.82
C THR A 21 -0.64 -4.71 4.67
N TYR A 22 -0.07 -3.91 3.79
CA TYR A 22 1.35 -3.98 3.47
C TYR A 22 2.08 -2.70 3.85
N LYS A 23 3.41 -2.79 3.86
CA LYS A 23 4.32 -1.65 4.10
C LYS A 23 4.98 -1.29 2.80
N VAL A 24 4.94 -0.04 2.44
CA VAL A 24 5.63 0.39 1.22
C VAL A 24 7.14 0.47 1.49
N LEU A 25 7.95 -0.17 0.66
CA LEU A 25 9.40 -0.19 0.91
C LEU A 25 10.09 0.76 -0.02
N SER A 26 9.74 0.66 -1.28
CA SER A 26 10.32 1.46 -2.32
C SER A 26 9.29 1.65 -3.41
N TYR A 27 9.41 2.68 -4.18
CA TYR A 27 8.40 3.01 -5.14
C TYR A 27 9.05 3.26 -6.51
N SER A 28 8.53 2.63 -7.55
CA SER A 28 9.05 2.84 -8.89
C SER A 28 7.92 2.99 -9.92
N GLY A 29 7.60 4.23 -10.28
CA GLY A 29 6.57 4.51 -11.28
C GLY A 29 5.20 3.98 -10.90
N ASP A 30 4.77 2.94 -11.58
CA ASP A 30 3.48 2.32 -11.34
C ASP A 30 3.62 1.08 -10.46
N LYS A 31 4.85 0.74 -10.13
CA LYS A 31 5.12 -0.43 -9.33
C LYS A 31 5.62 -0.04 -7.98
N VAL A 32 5.18 -0.74 -6.99
CA VAL A 32 5.55 -0.48 -5.64
C VAL A 32 6.09 -1.74 -5.01
N THR A 33 7.22 -1.64 -4.37
CA THR A 33 7.76 -2.74 -3.64
C THR A 33 7.29 -2.59 -2.20
N VAL A 34 6.64 -3.60 -1.69
CA VAL A 34 6.04 -3.54 -0.38
C VAL A 34 6.43 -4.76 0.43
N GLN A 35 6.10 -4.75 1.69
CA GLN A 35 6.31 -5.88 2.56
C GLN A 35 4.96 -6.34 3.11
N ASP A 36 4.79 -7.62 3.13
CA ASP A 36 3.52 -8.28 3.48
C ASP A 36 3.42 -8.38 4.98
N SER A 37 2.24 -8.71 5.46
CA SER A 37 2.00 -8.89 6.88
C SER A 37 2.89 -10.00 7.44
N ASP A 38 3.26 -10.96 6.59
CA ASP A 38 4.14 -12.05 6.99
C ASP A 38 5.60 -11.63 6.81
N GLY A 39 5.81 -10.55 6.10
CA GLY A 39 7.14 -10.06 5.87
C GLY A 39 7.69 -10.38 4.50
N ARG A 40 6.91 -11.03 3.65
CA ARG A 40 7.29 -11.21 2.27
C ARG A 40 7.40 -9.87 1.60
N THR A 41 8.30 -9.73 0.69
CA THR A 41 8.37 -8.52 -0.05
C THR A 41 7.73 -8.77 -1.41
N LEU A 42 6.84 -7.91 -1.81
CA LEU A 42 6.12 -8.11 -3.07
C LEU A 42 6.15 -6.86 -3.89
N THR A 43 5.93 -7.01 -5.15
CA THR A 43 5.81 -5.91 -6.04
C THR A 43 4.38 -5.84 -6.57
N PHE A 44 3.72 -4.76 -6.28
CA PHE A 44 2.37 -4.56 -6.72
C PHE A 44 2.28 -3.31 -7.54
N ASP A 45 1.17 -3.15 -8.18
CA ASP A 45 0.88 -1.95 -8.92
C ASP A 45 0.35 -0.93 -7.95
N ALA A 46 0.78 0.30 -8.09
CA ALA A 46 0.34 1.41 -7.21
C ALA A 46 -1.17 1.59 -7.26
N ARG A 47 -1.74 1.22 -8.37
CA ARG A 47 -3.18 1.24 -8.62
C ARG A 47 -3.93 0.15 -7.83
N LEU A 48 -3.17 -0.78 -7.27
CA LEU A 48 -3.71 -1.82 -6.39
C LEU A 48 -3.62 -1.42 -4.93
N LEU A 49 -2.81 -0.43 -4.65
CA LEU A 49 -2.60 0.02 -3.29
C LEU A 49 -3.57 1.10 -2.91
N ARG A 50 -4.41 0.79 -1.99
CA ARG A 50 -5.33 1.72 -1.45
C ARG A 50 -4.80 2.15 -0.09
N VAL A 51 -4.75 3.43 0.15
CA VAL A 51 -4.24 3.97 1.41
C VAL A 51 -5.19 3.54 2.54
N LYS A 52 -4.63 3.33 3.77
CA LYS A 52 -5.43 2.88 4.94
C LYS A 52 -6.72 3.70 5.10
N LYS A 53 -6.62 4.99 4.85
CA LYS A 53 -7.77 5.85 4.88
C LYS A 53 -7.95 6.48 3.53
N TRP A 54 -8.81 5.90 2.73
CA TRP A 54 -9.10 6.44 1.45
C TRP A 54 -10.14 7.57 1.63
N LEU A 55 -10.60 8.14 0.54
CA LEU A 55 -11.55 9.26 0.56
C LEU A 55 -12.99 8.77 0.78
N GLU A 56 -13.14 7.75 1.61
CA GLU A 56 -14.43 7.17 1.90
C GLU A 56 -15.26 8.10 2.78
N HIS A 57 -14.67 8.60 3.87
CA HIS A 57 -15.39 9.49 4.77
C HIS A 57 -15.38 10.89 4.24
N HIS A 58 -14.23 11.32 3.79
CA HIS A 58 -14.10 12.64 3.22
C HIS A 58 -14.12 12.56 1.72
N HIS A 59 -15.28 12.65 1.20
CA HIS A 59 -15.56 12.56 -0.20
C HIS A 59 -16.45 13.73 -0.50
N HIS A 60 -16.13 14.51 -1.51
CA HIS A 60 -16.90 15.72 -1.74
C HIS A 60 -18.27 15.49 -2.38
N HIS A 61 -19.21 15.18 -1.52
CA HIS A 61 -20.63 14.99 -1.87
C HIS A 61 -20.88 13.81 -2.79
N HIS A 62 -22.12 13.54 -3.02
CA HIS A 62 -22.56 12.45 -3.86
C HIS A 62 -23.78 12.85 -4.65
N MET A 1 6.49 10.13 -1.19
CA MET A 1 5.86 11.48 -1.13
C MET A 1 4.62 11.56 -2.03
N ASP A 2 4.23 10.45 -2.64
CA ASP A 2 3.05 10.44 -3.55
C ASP A 2 1.79 10.14 -2.76
N GLY A 3 1.96 10.07 -1.49
CA GLY A 3 0.94 9.70 -0.55
C GLY A 3 1.27 8.35 -0.02
N PHE A 4 2.24 7.74 -0.67
CA PHE A 4 2.85 6.55 -0.22
C PHE A 4 4.07 6.94 0.59
N ASP A 5 4.28 6.30 1.68
CA ASP A 5 5.43 6.55 2.52
C ASP A 5 6.15 5.25 2.69
N ARG A 6 7.41 5.27 2.98
CA ARG A 6 8.04 4.01 3.29
C ARG A 6 7.58 3.53 4.67
N GLY A 7 7.04 2.35 4.70
CA GLY A 7 6.44 1.84 5.90
C GLY A 7 4.95 2.14 5.93
N ALA A 8 4.45 2.73 4.84
CA ALA A 8 3.03 3.07 4.72
C ALA A 8 2.20 1.85 4.58
N ASP A 9 1.06 1.90 5.18
CA ASP A 9 0.14 0.80 5.11
C ASP A 9 -0.72 0.93 3.87
N VAL A 10 -0.67 -0.06 3.04
CA VAL A 10 -1.50 -0.11 1.86
C VAL A 10 -2.39 -1.31 1.95
N THR A 11 -3.54 -1.24 1.37
CA THR A 11 -4.46 -2.31 1.45
C THR A 11 -4.57 -3.08 0.16
N TYR A 12 -4.44 -4.36 0.30
CA TYR A 12 -4.55 -5.29 -0.79
C TYR A 12 -5.51 -6.40 -0.43
N THR A 13 -6.50 -6.58 -1.24
CA THR A 13 -7.39 -7.66 -1.05
C THR A 13 -7.00 -8.83 -1.94
N ASP A 14 -6.89 -9.99 -1.34
CA ASP A 14 -6.59 -11.22 -2.08
C ASP A 14 -7.80 -11.69 -2.83
N SER A 15 -7.65 -12.79 -3.56
CA SER A 15 -8.73 -13.36 -4.36
C SER A 15 -9.96 -13.71 -3.49
N ASP A 16 -9.71 -13.99 -2.20
CA ASP A 16 -10.76 -14.31 -1.23
C ASP A 16 -11.45 -13.04 -0.74
N GLY A 17 -10.92 -11.89 -1.12
CA GLY A 17 -11.42 -10.61 -0.68
C GLY A 17 -10.92 -10.30 0.71
N SER A 18 -9.93 -11.05 1.14
CA SER A 18 -9.32 -10.86 2.42
C SER A 18 -8.55 -9.54 2.40
N LYS A 19 -8.81 -8.68 3.35
CA LYS A 19 -8.14 -7.41 3.41
C LYS A 19 -6.81 -7.58 4.06
N LYS A 20 -5.78 -7.45 3.31
CA LYS A 20 -4.47 -7.61 3.81
C LYS A 20 -3.74 -6.29 3.67
N THR A 21 -2.83 -6.03 4.56
CA THR A 21 -2.12 -4.79 4.54
C THR A 21 -0.64 -5.05 4.26
N TYR A 22 -0.03 -4.18 3.46
CA TYR A 22 1.38 -4.27 3.13
C TYR A 22 2.03 -2.94 3.44
N LYS A 23 3.32 -2.94 3.65
CA LYS A 23 4.06 -1.73 3.93
C LYS A 23 4.96 -1.39 2.77
N VAL A 24 4.88 -0.16 2.29
CA VAL A 24 5.67 0.29 1.14
C VAL A 24 7.16 0.41 1.48
N LEU A 25 8.00 -0.19 0.66
CA LEU A 25 9.44 -0.15 0.88
C LEU A 25 10.06 0.87 -0.05
N SER A 26 9.69 0.77 -1.31
CA SER A 26 10.22 1.61 -2.34
C SER A 26 9.14 1.87 -3.37
N TYR A 27 9.31 2.89 -4.16
CA TYR A 27 8.30 3.27 -5.10
C TYR A 27 8.96 3.69 -6.41
N SER A 28 8.54 3.09 -7.50
CA SER A 28 9.03 3.48 -8.81
C SER A 28 7.90 3.50 -9.83
N GLY A 29 7.41 4.70 -10.11
CA GLY A 29 6.35 4.87 -11.09
C GLY A 29 5.08 4.18 -10.69
N ASP A 30 4.79 3.09 -11.37
CA ASP A 30 3.61 2.31 -11.09
C ASP A 30 3.92 1.08 -10.30
N LYS A 31 5.15 0.88 -9.99
CA LYS A 31 5.54 -0.28 -9.23
C LYS A 31 5.88 0.12 -7.84
N VAL A 32 5.30 -0.58 -6.92
CA VAL A 32 5.49 -0.32 -5.53
C VAL A 32 5.99 -1.58 -4.88
N THR A 33 7.18 -1.52 -4.34
CA THR A 33 7.72 -2.64 -3.62
C THR A 33 7.25 -2.53 -2.18
N VAL A 34 6.69 -3.58 -1.67
CA VAL A 34 6.10 -3.58 -0.36
C VAL A 34 6.56 -4.82 0.42
N GLN A 35 6.22 -4.87 1.67
CA GLN A 35 6.48 -6.03 2.52
C GLN A 35 5.21 -6.35 3.23
N ASP A 36 4.89 -7.61 3.38
CA ASP A 36 3.59 -7.97 3.95
C ASP A 36 3.70 -8.34 5.42
N SER A 37 2.58 -8.79 5.99
CA SER A 37 2.49 -9.23 7.36
C SER A 37 3.42 -10.43 7.64
N ASP A 38 3.62 -11.27 6.62
CA ASP A 38 4.50 -12.44 6.75
C ASP A 38 5.95 -12.02 6.52
N GLY A 39 6.11 -10.81 6.01
CA GLY A 39 7.41 -10.23 5.83
C GLY A 39 8.00 -10.52 4.50
N ARG A 40 7.18 -10.95 3.59
CA ARG A 40 7.61 -11.22 2.27
C ARG A 40 7.55 -9.93 1.53
N THR A 41 8.46 -9.73 0.69
CA THR A 41 8.46 -8.53 -0.04
C THR A 41 7.86 -8.78 -1.43
N LEU A 42 6.97 -7.93 -1.86
CA LEU A 42 6.30 -8.11 -3.13
C LEU A 42 6.29 -6.78 -3.85
N THR A 43 6.14 -6.80 -5.13
CA THR A 43 6.01 -5.59 -5.88
C THR A 43 4.70 -5.62 -6.64
N PHE A 44 3.91 -4.62 -6.39
CA PHE A 44 2.59 -4.51 -6.98
C PHE A 44 2.48 -3.22 -7.74
N ASP A 45 1.42 -3.09 -8.50
CA ASP A 45 1.13 -1.86 -9.19
C ASP A 45 0.45 -0.90 -8.26
N ALA A 46 0.76 0.35 -8.40
CA ALA A 46 0.22 1.43 -7.57
C ALA A 46 -1.30 1.53 -7.68
N ARG A 47 -1.82 1.14 -8.83
CA ARG A 47 -3.27 1.15 -9.05
C ARG A 47 -3.96 0.02 -8.27
N LEU A 48 -3.19 -0.91 -7.77
CA LEU A 48 -3.70 -2.02 -7.01
C LEU A 48 -3.72 -1.69 -5.52
N LEU A 49 -2.96 -0.70 -5.15
CA LEU A 49 -2.79 -0.31 -3.77
C LEU A 49 -3.63 0.86 -3.39
N ARG A 50 -4.50 0.62 -2.46
CA ARG A 50 -5.28 1.68 -1.87
C ARG A 50 -4.58 2.04 -0.57
N VAL A 51 -4.33 3.29 -0.35
CA VAL A 51 -3.57 3.71 0.83
C VAL A 51 -4.42 3.64 2.09
N LYS A 52 -3.78 3.35 3.20
CA LYS A 52 -4.45 3.37 4.45
C LYS A 52 -4.06 4.62 5.23
N LYS A 53 -4.66 5.71 4.83
CA LYS A 53 -4.53 6.99 5.49
C LYS A 53 -5.91 7.53 5.71
N TRP A 54 -6.13 8.12 6.88
CA TRP A 54 -7.39 8.77 7.23
C TRP A 54 -8.54 7.71 7.30
N LEU A 55 -9.77 8.16 7.37
CA LEU A 55 -10.92 7.27 7.50
C LEU A 55 -11.16 6.44 6.24
N GLU A 56 -11.77 5.28 6.44
CA GLU A 56 -11.94 4.25 5.41
C GLU A 56 -12.69 4.68 4.16
N HIS A 57 -13.87 5.30 4.32
CA HIS A 57 -14.71 5.61 3.15
C HIS A 57 -14.06 6.53 2.14
N HIS A 58 -13.42 7.62 2.61
CA HIS A 58 -12.80 8.60 1.69
C HIS A 58 -13.92 9.28 0.85
N HIS A 59 -14.26 10.46 1.21
CA HIS A 59 -15.43 11.10 0.62
C HIS A 59 -15.06 12.10 -0.46
N HIS A 60 -15.89 12.17 -1.48
CA HIS A 60 -15.78 13.24 -2.48
C HIS A 60 -16.85 14.25 -2.13
N HIS A 61 -18.08 13.90 -2.40
CA HIS A 61 -19.24 14.62 -1.92
C HIS A 61 -20.11 13.59 -1.20
N HIS A 62 -19.59 12.39 -1.22
CA HIS A 62 -20.17 11.23 -0.68
C HIS A 62 -19.01 10.34 -0.38
N MET A 1 4.46 9.82 -8.63
CA MET A 1 4.41 9.32 -7.26
C MET A 1 3.00 9.52 -6.73
N ASP A 2 2.31 8.43 -6.43
CA ASP A 2 0.90 8.49 -6.02
C ASP A 2 0.68 8.82 -4.55
N GLY A 3 1.75 9.09 -3.84
CA GLY A 3 1.62 9.54 -2.47
C GLY A 3 2.07 8.53 -1.44
N PHE A 4 2.49 7.37 -1.87
CA PHE A 4 2.91 6.36 -0.94
C PHE A 4 4.37 6.60 -0.54
N ASP A 5 4.65 6.46 0.74
CA ASP A 5 5.99 6.63 1.28
C ASP A 5 6.41 5.35 2.00
N ARG A 6 7.67 5.22 2.32
CA ARG A 6 8.17 4.06 3.04
C ARG A 6 7.45 3.93 4.41
N GLY A 7 6.96 2.75 4.68
CA GLY A 7 6.26 2.49 5.92
C GLY A 7 4.77 2.79 5.82
N ALA A 8 4.31 3.19 4.65
CA ALA A 8 2.89 3.47 4.45
C ALA A 8 2.09 2.19 4.48
N ASP A 9 0.94 2.25 5.12
CA ASP A 9 0.02 1.12 5.20
C ASP A 9 -0.88 1.12 3.98
N VAL A 10 -0.86 0.05 3.22
CA VAL A 10 -1.66 -0.04 2.01
C VAL A 10 -2.67 -1.16 2.11
N THR A 11 -3.77 -1.00 1.44
CA THR A 11 -4.82 -1.96 1.44
C THR A 11 -4.72 -2.88 0.24
N TYR A 12 -4.71 -4.15 0.50
CA TYR A 12 -4.73 -5.12 -0.55
C TYR A 12 -5.65 -6.23 -0.20
N THR A 13 -6.63 -6.40 -0.98
CA THR A 13 -7.53 -7.47 -0.82
C THR A 13 -7.34 -8.41 -1.99
N ASP A 14 -7.09 -9.67 -1.71
CA ASP A 14 -6.95 -10.63 -2.79
C ASP A 14 -8.29 -10.95 -3.37
N SER A 15 -8.30 -11.60 -4.53
CA SER A 15 -9.52 -12.02 -5.18
C SER A 15 -10.27 -13.07 -4.34
N ASP A 16 -9.56 -13.58 -3.34
CA ASP A 16 -10.08 -14.57 -2.40
C ASP A 16 -11.02 -13.91 -1.40
N GLY A 17 -10.99 -12.60 -1.37
CA GLY A 17 -11.86 -11.85 -0.49
C GLY A 17 -11.21 -11.52 0.83
N SER A 18 -9.97 -11.94 0.98
CA SER A 18 -9.25 -11.68 2.20
C SER A 18 -8.59 -10.32 2.12
N LYS A 19 -8.81 -9.54 3.15
CA LYS A 19 -8.28 -8.21 3.25
C LYS A 19 -6.94 -8.27 3.96
N LYS A 20 -5.97 -7.56 3.45
CA LYS A 20 -4.64 -7.65 3.93
C LYS A 20 -3.95 -6.28 3.83
N THR A 21 -2.97 -6.04 4.66
CA THR A 21 -2.28 -4.79 4.66
C THR A 21 -0.77 -5.01 4.53
N TYR A 22 -0.13 -4.23 3.67
CA TYR A 22 1.31 -4.32 3.47
C TYR A 22 1.96 -3.00 3.85
N LYS A 23 3.28 -3.01 3.97
CA LYS A 23 4.04 -1.82 4.26
C LYS A 23 4.88 -1.45 3.03
N VAL A 24 4.90 -0.19 2.65
CA VAL A 24 5.68 0.23 1.48
C VAL A 24 7.19 0.30 1.82
N LEU A 25 8.05 -0.22 0.95
CA LEU A 25 9.49 -0.21 1.19
C LEU A 25 10.15 0.78 0.26
N SER A 26 9.81 0.66 -0.99
CA SER A 26 10.38 1.45 -2.04
C SER A 26 9.29 1.65 -3.07
N TYR A 27 9.46 2.63 -3.91
CA TYR A 27 8.44 2.99 -4.83
C TYR A 27 9.08 3.33 -6.16
N SER A 28 8.60 2.77 -7.24
CA SER A 28 9.14 3.05 -8.54
C SER A 28 8.03 3.22 -9.57
N GLY A 29 7.71 4.47 -9.89
CA GLY A 29 6.69 4.76 -10.88
C GLY A 29 5.31 4.29 -10.47
N ASP A 30 4.84 3.25 -11.12
CA ASP A 30 3.55 2.67 -10.85
C ASP A 30 3.70 1.36 -10.11
N LYS A 31 4.91 1.04 -9.73
CA LYS A 31 5.20 -0.17 -9.01
C LYS A 31 5.58 0.14 -7.58
N VAL A 32 4.95 -0.54 -6.67
CA VAL A 32 5.19 -0.34 -5.27
C VAL A 32 5.76 -1.61 -4.68
N THR A 33 6.92 -1.50 -4.08
CA THR A 33 7.53 -2.62 -3.41
C THR A 33 7.14 -2.56 -1.94
N VAL A 34 6.57 -3.62 -1.45
CA VAL A 34 6.04 -3.66 -0.12
C VAL A 34 6.57 -4.90 0.61
N GLN A 35 6.29 -4.97 1.89
CA GLN A 35 6.63 -6.13 2.68
C GLN A 35 5.37 -6.69 3.32
N ASP A 36 5.32 -7.98 3.44
CA ASP A 36 4.20 -8.74 3.97
C ASP A 36 4.28 -8.85 5.48
N SER A 37 3.19 -9.31 6.10
CA SER A 37 3.13 -9.48 7.55
C SER A 37 4.17 -10.52 8.03
N ASP A 38 4.50 -11.49 7.18
CA ASP A 38 5.51 -12.51 7.50
C ASP A 38 6.89 -12.01 7.08
N GLY A 39 6.90 -10.95 6.30
CA GLY A 39 8.13 -10.31 5.90
C GLY A 39 8.54 -10.51 4.47
N ARG A 40 7.75 -11.23 3.70
CA ARG A 40 8.03 -11.42 2.27
C ARG A 40 7.90 -10.07 1.58
N THR A 41 8.66 -9.83 0.57
CA THR A 41 8.59 -8.59 -0.11
C THR A 41 7.87 -8.79 -1.44
N LEU A 42 6.99 -7.89 -1.78
CA LEU A 42 6.20 -8.04 -2.99
C LEU A 42 6.20 -6.74 -3.77
N THR A 43 5.90 -6.82 -5.02
CA THR A 43 5.77 -5.64 -5.84
C THR A 43 4.41 -5.64 -6.52
N PHE A 44 3.65 -4.63 -6.26
CA PHE A 44 2.30 -4.49 -6.79
C PHE A 44 2.19 -3.20 -7.56
N ASP A 45 1.11 -3.06 -8.28
CA ASP A 45 0.83 -1.85 -9.01
C ASP A 45 0.19 -0.86 -8.08
N ALA A 46 0.57 0.37 -8.21
CA ALA A 46 0.11 1.45 -7.36
C ALA A 46 -1.38 1.69 -7.51
N ARG A 47 -1.90 1.42 -8.71
CA ARG A 47 -3.33 1.60 -8.97
C ARG A 47 -4.16 0.59 -8.18
N LEU A 48 -3.51 -0.50 -7.77
CA LEU A 48 -4.15 -1.54 -7.01
C LEU A 48 -4.18 -1.19 -5.54
N LEU A 49 -3.20 -0.44 -5.11
CA LEU A 49 -3.03 -0.07 -3.74
C LEU A 49 -3.71 1.22 -3.39
N ARG A 50 -4.35 1.21 -2.28
CA ARG A 50 -4.96 2.36 -1.70
C ARG A 50 -4.45 2.47 -0.29
N VAL A 51 -4.47 3.65 0.26
CA VAL A 51 -4.00 3.84 1.62
C VAL A 51 -4.96 3.25 2.64
N LYS A 52 -4.42 2.66 3.70
CA LYS A 52 -5.22 2.02 4.74
C LYS A 52 -6.10 3.04 5.46
N LYS A 53 -5.50 4.10 5.91
CA LYS A 53 -6.20 5.17 6.62
C LYS A 53 -5.35 6.41 6.41
N TRP A 54 -4.75 6.45 5.22
CA TRP A 54 -3.73 7.42 4.81
C TRP A 54 -2.47 7.10 5.63
N LEU A 55 -1.51 7.96 5.64
CA LEU A 55 -0.32 7.73 6.41
C LEU A 55 -0.52 8.16 7.86
N GLU A 56 -1.15 7.30 8.63
CA GLU A 56 -1.41 7.58 10.03
C GLU A 56 -0.18 7.30 10.88
N HIS A 57 0.37 6.11 10.73
CA HIS A 57 1.47 5.66 11.58
C HIS A 57 2.79 6.25 11.17
N HIS A 58 3.08 6.25 9.91
CA HIS A 58 4.32 6.82 9.44
C HIS A 58 4.08 8.13 8.75
N HIS A 59 5.05 9.01 8.82
CA HIS A 59 4.93 10.32 8.22
C HIS A 59 6.17 10.61 7.42
N HIS A 60 6.02 11.32 6.34
CA HIS A 60 7.16 11.74 5.53
C HIS A 60 7.60 13.11 6.02
N HIS A 61 6.61 13.98 6.20
CA HIS A 61 6.79 15.36 6.63
C HIS A 61 7.66 16.15 5.65
N HIS A 62 7.03 16.70 4.64
CA HIS A 62 7.74 17.49 3.66
C HIS A 62 7.61 18.95 4.06
N MET A 1 4.05 10.47 -7.94
CA MET A 1 3.67 9.50 -6.91
C MET A 1 2.20 9.62 -6.64
N ASP A 2 1.54 8.54 -6.31
CA ASP A 2 0.09 8.56 -6.06
C ASP A 2 -0.21 8.99 -4.61
N GLY A 3 0.84 9.23 -3.85
CA GLY A 3 0.66 9.62 -2.47
C GLY A 3 1.09 8.54 -1.51
N PHE A 4 1.88 7.60 -1.99
CA PHE A 4 2.44 6.57 -1.15
C PHE A 4 3.80 7.00 -0.65
N ASP A 5 4.12 6.64 0.55
CA ASP A 5 5.41 6.94 1.14
C ASP A 5 6.01 5.60 1.52
N ARG A 6 7.30 5.51 1.68
CA ARG A 6 7.89 4.29 2.16
C ARG A 6 7.56 4.10 3.64
N GLY A 7 7.29 2.90 4.04
CA GLY A 7 6.90 2.64 5.40
C GLY A 7 5.41 2.81 5.59
N ALA A 8 4.71 3.04 4.49
CA ALA A 8 3.27 3.23 4.51
C ALA A 8 2.55 1.91 4.58
N ASP A 9 1.45 1.90 5.30
CA ASP A 9 0.59 0.73 5.37
C ASP A 9 -0.45 0.82 4.28
N VAL A 10 -0.46 -0.15 3.42
CA VAL A 10 -1.37 -0.17 2.30
C VAL A 10 -2.30 -1.34 2.39
N THR A 11 -3.46 -1.18 1.85
CA THR A 11 -4.42 -2.22 1.83
C THR A 11 -4.54 -2.80 0.45
N TYR A 12 -4.40 -4.08 0.38
CA TYR A 12 -4.50 -4.82 -0.84
C TYR A 12 -5.52 -5.90 -0.66
N THR A 13 -6.38 -6.05 -1.60
CA THR A 13 -7.33 -7.09 -1.54
C THR A 13 -6.91 -8.20 -2.48
N ASP A 14 -6.81 -9.39 -1.96
CA ASP A 14 -6.36 -10.54 -2.72
C ASP A 14 -7.41 -10.99 -3.68
N SER A 15 -7.05 -11.94 -4.51
CA SER A 15 -7.98 -12.56 -5.44
C SER A 15 -9.06 -13.32 -4.65
N ASP A 16 -8.75 -13.64 -3.41
CA ASP A 16 -9.65 -14.35 -2.50
C ASP A 16 -10.67 -13.39 -1.92
N GLY A 17 -10.45 -12.11 -2.11
CA GLY A 17 -11.33 -11.10 -1.56
C GLY A 17 -10.90 -10.68 -0.17
N SER A 18 -9.79 -11.22 0.26
CA SER A 18 -9.24 -10.93 1.54
C SER A 18 -8.46 -9.62 1.51
N LYS A 19 -8.76 -8.74 2.43
CA LYS A 19 -8.05 -7.49 2.52
C LYS A 19 -6.84 -7.68 3.41
N LYS A 20 -5.71 -7.62 2.79
CA LYS A 20 -4.45 -7.84 3.41
C LYS A 20 -3.71 -6.51 3.44
N THR A 21 -2.81 -6.34 4.37
CA THR A 21 -2.12 -5.08 4.51
C THR A 21 -0.61 -5.25 4.32
N TYR A 22 0.01 -4.32 3.65
CA TYR A 22 1.44 -4.40 3.40
C TYR A 22 2.09 -3.06 3.73
N LYS A 23 3.40 -3.05 3.85
CA LYS A 23 4.17 -1.83 4.08
C LYS A 23 5.05 -1.53 2.90
N VAL A 24 5.01 -0.30 2.42
CA VAL A 24 5.80 0.11 1.25
C VAL A 24 7.31 0.14 1.55
N LEU A 25 8.11 -0.49 0.69
CA LEU A 25 9.56 -0.52 0.88
C LEU A 25 10.21 0.41 -0.13
N SER A 26 9.78 0.26 -1.35
CA SER A 26 10.34 0.98 -2.46
C SER A 26 9.21 1.41 -3.36
N TYR A 27 9.43 2.45 -4.12
CA TYR A 27 8.39 2.98 -4.94
C TYR A 27 8.95 3.43 -6.28
N SER A 28 8.43 2.90 -7.35
CA SER A 28 8.80 3.34 -8.67
C SER A 28 7.56 3.45 -9.56
N GLY A 29 7.10 4.68 -9.74
CA GLY A 29 5.95 4.98 -10.56
C GLY A 29 4.71 4.23 -10.13
N ASP A 30 4.37 3.22 -10.89
CA ASP A 30 3.18 2.41 -10.66
C ASP A 30 3.49 1.15 -9.91
N LYS A 31 4.73 0.85 -9.73
CA LYS A 31 5.08 -0.37 -9.05
C LYS A 31 5.67 -0.10 -7.70
N VAL A 32 5.12 -0.76 -6.73
CA VAL A 32 5.47 -0.57 -5.36
C VAL A 32 5.89 -1.89 -4.75
N THR A 33 7.09 -1.95 -4.26
CA THR A 33 7.55 -3.12 -3.57
C THR A 33 7.23 -2.93 -2.10
N VAL A 34 6.62 -3.92 -1.50
CA VAL A 34 6.10 -3.83 -0.17
C VAL A 34 6.53 -5.05 0.66
N GLN A 35 6.25 -5.01 1.94
CA GLN A 35 6.49 -6.12 2.83
C GLN A 35 5.20 -6.45 3.55
N ASP A 36 4.99 -7.72 3.79
CA ASP A 36 3.80 -8.20 4.47
C ASP A 36 4.08 -8.33 5.97
N SER A 37 3.03 -8.54 6.78
CA SER A 37 3.19 -8.75 8.20
C SER A 37 4.01 -10.02 8.48
N ASP A 38 3.93 -10.99 7.56
CA ASP A 38 4.73 -12.21 7.67
C ASP A 38 6.16 -11.95 7.18
N GLY A 39 6.33 -10.82 6.54
CA GLY A 39 7.63 -10.41 6.06
C GLY A 39 7.86 -10.71 4.61
N ARG A 40 6.84 -11.19 3.94
CA ARG A 40 6.93 -11.44 2.51
C ARG A 40 7.12 -10.13 1.80
N THR A 41 7.98 -10.10 0.86
CA THR A 41 8.20 -8.90 0.13
C THR A 41 7.64 -9.08 -1.29
N LEU A 42 6.72 -8.20 -1.67
CA LEU A 42 6.02 -8.37 -2.95
C LEU A 42 6.05 -7.06 -3.72
N THR A 43 5.85 -7.15 -5.00
CA THR A 43 5.75 -5.97 -5.83
C THR A 43 4.32 -5.85 -6.36
N PHE A 44 3.66 -4.77 -6.03
CA PHE A 44 2.29 -4.55 -6.42
C PHE A 44 2.12 -3.30 -7.22
N ASP A 45 0.95 -3.17 -7.79
CA ASP A 45 0.57 -2.04 -8.62
C ASP A 45 -0.04 -0.98 -7.73
N ALA A 46 0.49 0.22 -7.80
CA ALA A 46 0.09 1.35 -6.93
C ALA A 46 -1.43 1.59 -6.90
N ARG A 47 -2.07 1.44 -8.05
CA ARG A 47 -3.52 1.65 -8.16
C ARG A 47 -4.32 0.55 -7.45
N LEU A 48 -3.65 -0.52 -7.08
CA LEU A 48 -4.26 -1.62 -6.36
C LEU A 48 -4.06 -1.44 -4.87
N LEU A 49 -3.29 -0.46 -4.52
CA LEU A 49 -2.97 -0.18 -3.17
C LEU A 49 -3.68 1.06 -2.70
N ARG A 50 -4.32 0.96 -1.59
CA ARG A 50 -4.96 2.10 -0.99
C ARG A 50 -4.37 2.25 0.39
N VAL A 51 -3.89 3.42 0.72
CA VAL A 51 -3.26 3.62 2.03
C VAL A 51 -4.25 3.45 3.16
N LYS A 52 -3.85 2.68 4.16
CA LYS A 52 -4.69 2.45 5.32
C LYS A 52 -4.67 3.72 6.16
N LYS A 53 -3.53 4.36 6.15
CA LYS A 53 -3.36 5.61 6.82
C LYS A 53 -3.48 6.69 5.78
N TRP A 54 -4.66 7.17 5.60
CA TRP A 54 -4.93 8.18 4.60
C TRP A 54 -5.09 9.54 5.28
N LEU A 55 -5.69 9.49 6.43
CA LEU A 55 -6.17 10.68 7.11
C LEU A 55 -5.63 10.75 8.54
N GLU A 56 -4.35 10.40 8.74
CA GLU A 56 -3.76 10.39 10.09
C GLU A 56 -3.77 11.81 10.66
N HIS A 57 -3.26 12.73 9.88
CA HIS A 57 -3.14 14.12 10.26
C HIS A 57 -4.40 14.87 9.84
N HIS A 58 -5.20 14.25 9.03
CA HIS A 58 -6.40 14.88 8.53
C HIS A 58 -7.62 14.51 9.32
N HIS A 59 -7.93 15.33 10.32
CA HIS A 59 -9.16 15.16 11.06
C HIS A 59 -10.28 15.56 10.12
N HIS A 60 -10.02 16.61 9.36
CA HIS A 60 -10.90 17.01 8.31
C HIS A 60 -10.62 16.14 7.10
N HIS A 61 -11.56 15.33 6.75
CA HIS A 61 -11.41 14.45 5.64
C HIS A 61 -11.70 15.20 4.37
N HIS A 62 -12.92 15.69 4.28
CA HIS A 62 -13.41 16.47 3.16
C HIS A 62 -14.79 16.98 3.49
N MET A 1 1.87 8.12 -10.66
CA MET A 1 2.54 8.17 -9.36
C MET A 1 1.55 8.67 -8.34
N ASP A 2 1.12 7.79 -7.47
CA ASP A 2 0.07 8.10 -6.51
C ASP A 2 0.58 8.86 -5.31
N GLY A 3 1.82 8.65 -4.94
CA GLY A 3 2.34 9.39 -3.80
C GLY A 3 2.56 8.54 -2.57
N PHE A 4 2.68 7.23 -2.75
CA PHE A 4 2.94 6.37 -1.62
C PHE A 4 4.36 6.59 -1.08
N ASP A 5 4.49 6.52 0.21
CA ASP A 5 5.75 6.75 0.88
C ASP A 5 6.16 5.52 1.66
N ARG A 6 7.46 5.27 1.71
CA ARG A 6 8.02 4.15 2.47
C ARG A 6 7.48 4.11 3.92
N GLY A 7 6.97 2.97 4.30
CA GLY A 7 6.39 2.82 5.62
C GLY A 7 4.89 3.01 5.62
N ALA A 8 4.31 3.24 4.45
CA ALA A 8 2.88 3.38 4.32
C ALA A 8 2.23 2.03 4.38
N ASP A 9 1.16 1.94 5.13
CA ASP A 9 0.41 0.70 5.25
C ASP A 9 -0.68 0.75 4.20
N VAL A 10 -0.71 -0.21 3.34
CA VAL A 10 -1.66 -0.22 2.26
C VAL A 10 -2.57 -1.41 2.40
N THR A 11 -3.76 -1.27 1.92
CA THR A 11 -4.69 -2.31 1.97
C THR A 11 -4.91 -2.88 0.59
N TYR A 12 -4.75 -4.14 0.51
CA TYR A 12 -4.92 -4.88 -0.69
C TYR A 12 -5.85 -6.01 -0.41
N THR A 13 -6.89 -6.12 -1.16
CA THR A 13 -7.77 -7.18 -0.94
C THR A 13 -7.41 -8.29 -1.93
N ASP A 14 -7.05 -9.41 -1.38
CA ASP A 14 -6.64 -10.56 -2.14
C ASP A 14 -7.85 -11.19 -2.79
N SER A 15 -7.64 -11.84 -3.92
CA SER A 15 -8.72 -12.43 -4.72
C SER A 15 -9.60 -13.42 -3.93
N ASP A 16 -9.05 -14.01 -2.87
CA ASP A 16 -9.82 -14.92 -2.03
C ASP A 16 -10.63 -14.19 -0.95
N GLY A 17 -10.60 -12.87 -0.98
CA GLY A 17 -11.42 -12.08 -0.07
C GLY A 17 -10.67 -11.63 1.16
N SER A 18 -9.42 -11.91 1.22
CA SER A 18 -8.63 -11.56 2.36
C SER A 18 -8.10 -10.14 2.23
N LYS A 19 -8.48 -9.30 3.15
CA LYS A 19 -7.96 -7.95 3.19
C LYS A 19 -6.59 -8.04 3.82
N LYS A 20 -5.60 -7.80 3.03
CA LYS A 20 -4.27 -8.06 3.42
C LYS A 20 -3.53 -6.72 3.42
N THR A 21 -2.69 -6.52 4.39
CA THR A 21 -2.07 -5.23 4.56
C THR A 21 -0.58 -5.32 4.32
N TYR A 22 -0.08 -4.45 3.48
CA TYR A 22 1.31 -4.44 3.13
C TYR A 22 1.90 -3.10 3.47
N LYS A 23 3.18 -3.05 3.65
CA LYS A 23 3.87 -1.80 3.95
C LYS A 23 4.86 -1.48 2.87
N VAL A 24 4.82 -0.25 2.37
CA VAL A 24 5.66 0.17 1.26
C VAL A 24 7.14 0.24 1.69
N LEU A 25 8.00 -0.42 0.96
CA LEU A 25 9.43 -0.46 1.28
C LEU A 25 10.13 0.59 0.47
N SER A 26 9.84 0.57 -0.81
CA SER A 26 10.43 1.45 -1.76
C SER A 26 9.42 1.71 -2.86
N TYR A 27 9.49 2.87 -3.46
CA TYR A 27 8.51 3.24 -4.43
C TYR A 27 9.20 3.60 -5.74
N SER A 28 8.74 3.03 -6.83
CA SER A 28 9.31 3.35 -8.11
C SER A 28 8.20 3.50 -9.18
N GLY A 29 7.84 4.75 -9.48
CA GLY A 29 6.85 5.06 -10.50
C GLY A 29 5.46 4.55 -10.16
N ASP A 30 5.07 3.49 -10.82
CA ASP A 30 3.78 2.85 -10.58
C ASP A 30 3.96 1.59 -9.80
N LYS A 31 5.18 1.27 -9.50
CA LYS A 31 5.47 0.05 -8.81
C LYS A 31 5.82 0.33 -7.39
N VAL A 32 5.17 -0.40 -6.54
CA VAL A 32 5.34 -0.26 -5.14
C VAL A 32 5.83 -1.57 -4.59
N THR A 33 7.02 -1.57 -4.06
CA THR A 33 7.54 -2.75 -3.41
C THR A 33 7.13 -2.68 -1.96
N VAL A 34 6.48 -3.70 -1.48
CA VAL A 34 5.92 -3.71 -0.18
C VAL A 34 6.37 -4.96 0.56
N GLN A 35 6.05 -5.01 1.82
CA GLN A 35 6.32 -6.18 2.63
C GLN A 35 5.06 -6.52 3.39
N ASP A 36 4.81 -7.78 3.52
CA ASP A 36 3.62 -8.27 4.19
C ASP A 36 3.92 -8.54 5.66
N SER A 37 2.91 -8.86 6.46
CA SER A 37 3.08 -9.20 7.86
C SER A 37 3.86 -10.52 7.99
N ASP A 38 3.76 -11.38 6.97
CA ASP A 38 4.54 -12.63 6.92
C ASP A 38 5.96 -12.33 6.41
N GLY A 39 6.17 -11.07 6.06
CA GLY A 39 7.47 -10.60 5.64
C GLY A 39 7.72 -10.76 4.19
N ARG A 40 6.74 -11.24 3.47
CA ARG A 40 6.88 -11.43 2.05
C ARG A 40 6.97 -10.11 1.39
N THR A 41 7.87 -9.98 0.50
CA THR A 41 8.03 -8.75 -0.18
C THR A 41 7.41 -8.88 -1.57
N LEU A 42 6.54 -7.98 -1.91
CA LEU A 42 5.83 -8.06 -3.18
C LEU A 42 5.91 -6.74 -3.87
N THR A 43 5.72 -6.74 -5.15
CA THR A 43 5.69 -5.53 -5.90
C THR A 43 4.35 -5.42 -6.61
N PHE A 44 3.61 -4.41 -6.30
CA PHE A 44 2.31 -4.19 -6.86
C PHE A 44 2.28 -2.86 -7.55
N ASP A 45 1.25 -2.61 -8.31
CA ASP A 45 1.07 -1.34 -8.93
C ASP A 45 0.35 -0.45 -7.98
N ALA A 46 0.70 0.80 -7.99
CA ALA A 46 0.10 1.80 -7.12
C ALA A 46 -1.41 1.92 -7.34
N ARG A 47 -1.83 1.70 -8.59
CA ARG A 47 -3.27 1.69 -8.98
C ARG A 47 -4.04 0.58 -8.27
N LEU A 48 -3.33 -0.35 -7.70
CA LEU A 48 -3.91 -1.47 -6.99
C LEU A 48 -4.01 -1.19 -5.48
N LEU A 49 -3.24 -0.25 -5.02
CA LEU A 49 -3.12 0.02 -3.60
C LEU A 49 -3.91 1.21 -3.11
N ARG A 50 -4.60 0.98 -2.04
CA ARG A 50 -5.27 2.01 -1.28
C ARG A 50 -4.56 2.09 0.05
N VAL A 51 -4.34 3.27 0.57
CA VAL A 51 -3.82 3.37 1.92
C VAL A 51 -4.93 2.88 2.84
N LYS A 52 -4.59 2.05 3.85
CA LYS A 52 -5.63 1.38 4.68
C LYS A 52 -6.55 2.39 5.37
N LYS A 53 -6.01 3.55 5.66
CA LYS A 53 -6.75 4.61 6.24
C LYS A 53 -6.82 5.69 5.19
N TRP A 54 -8.00 5.88 4.64
CA TRP A 54 -8.20 6.84 3.53
C TRP A 54 -7.83 8.27 3.96
N LEU A 55 -7.94 8.53 5.25
CA LEU A 55 -7.64 9.84 5.83
C LEU A 55 -6.18 10.23 5.65
N GLU A 56 -5.32 9.25 5.47
CA GLU A 56 -3.90 9.51 5.30
C GLU A 56 -3.61 10.01 3.91
N HIS A 57 -4.30 9.47 2.93
CA HIS A 57 -4.09 9.88 1.55
C HIS A 57 -5.03 11.01 1.17
N HIS A 58 -6.27 10.87 1.54
CA HIS A 58 -7.27 11.87 1.29
C HIS A 58 -7.74 12.40 2.62
N HIS A 59 -7.27 13.56 2.96
CA HIS A 59 -7.54 14.13 4.26
C HIS A 59 -8.88 14.81 4.30
N HIS A 60 -9.76 14.28 5.12
CA HIS A 60 -11.05 14.86 5.33
C HIS A 60 -10.87 15.92 6.42
N HIS A 61 -10.79 17.17 6.01
CA HIS A 61 -10.46 18.26 6.92
C HIS A 61 -11.51 18.44 8.00
N HIS A 62 -11.05 18.76 9.16
CA HIS A 62 -11.89 18.96 10.30
C HIS A 62 -11.94 20.43 10.64
N MET A 1 5.60 13.53 -1.34
CA MET A 1 6.00 13.68 -2.75
C MET A 1 4.86 13.22 -3.66
N ASP A 2 4.71 11.92 -3.82
CA ASP A 2 3.61 11.36 -4.60
C ASP A 2 2.50 10.93 -3.66
N GLY A 3 2.86 10.78 -2.42
CA GLY A 3 1.94 10.43 -1.38
C GLY A 3 2.14 9.03 -0.83
N PHE A 4 2.97 8.21 -1.49
CA PHE A 4 3.36 6.95 -0.89
C PHE A 4 4.64 7.17 -0.11
N ASP A 5 4.71 6.64 1.07
CA ASP A 5 5.87 6.80 1.91
C ASP A 5 6.38 5.42 2.32
N ARG A 6 7.63 5.31 2.73
CA ARG A 6 8.11 4.03 3.20
C ARG A 6 7.49 3.71 4.56
N GLY A 7 6.86 2.58 4.65
CA GLY A 7 6.18 2.19 5.86
C GLY A 7 4.69 2.44 5.78
N ALA A 8 4.26 3.01 4.65
CA ALA A 8 2.86 3.28 4.41
C ALA A 8 2.08 1.99 4.33
N ASP A 9 0.93 1.98 4.95
CA ASP A 9 0.07 0.80 4.97
C ASP A 9 -0.89 0.86 3.84
N VAL A 10 -0.90 -0.15 3.03
CA VAL A 10 -1.81 -0.20 1.93
C VAL A 10 -2.72 -1.39 2.11
N THR A 11 -3.92 -1.30 1.62
CA THR A 11 -4.85 -2.37 1.80
C THR A 11 -5.14 -3.06 0.50
N TYR A 12 -5.05 -4.34 0.54
CA TYR A 12 -5.23 -5.19 -0.61
C TYR A 12 -6.06 -6.39 -0.23
N THR A 13 -6.95 -6.77 -1.08
CA THR A 13 -7.69 -7.97 -0.90
C THR A 13 -7.21 -9.03 -1.86
N ASP A 14 -6.93 -10.19 -1.33
CA ASP A 14 -6.50 -11.33 -2.13
C ASP A 14 -7.67 -11.91 -2.89
N SER A 15 -7.43 -12.95 -3.67
CA SER A 15 -8.48 -13.62 -4.42
C SER A 15 -9.54 -14.21 -3.46
N ASP A 16 -9.14 -14.41 -2.21
CA ASP A 16 -10.02 -14.92 -1.17
C ASP A 16 -10.84 -13.80 -0.56
N GLY A 17 -10.53 -12.57 -0.96
CA GLY A 17 -11.21 -11.40 -0.41
C GLY A 17 -10.64 -11.02 0.92
N SER A 18 -9.57 -11.69 1.29
CA SER A 18 -8.91 -11.46 2.53
C SER A 18 -8.26 -10.09 2.55
N LYS A 19 -8.55 -9.35 3.59
CA LYS A 19 -8.03 -8.02 3.72
C LYS A 19 -6.62 -8.10 4.28
N LYS A 20 -5.69 -7.78 3.45
CA LYS A 20 -4.32 -7.85 3.79
C LYS A 20 -3.74 -6.45 3.71
N THR A 21 -2.79 -6.17 4.54
CA THR A 21 -2.21 -4.87 4.55
C THR A 21 -0.70 -4.98 4.38
N TYR A 22 -0.15 -4.21 3.46
CA TYR A 22 1.27 -4.26 3.18
C TYR A 22 1.89 -2.93 3.55
N LYS A 23 3.19 -2.94 3.72
CA LYS A 23 3.96 -1.73 4.00
C LYS A 23 4.78 -1.40 2.78
N VAL A 24 4.76 -0.17 2.34
CA VAL A 24 5.54 0.25 1.18
C VAL A 24 7.03 0.35 1.56
N LEU A 25 7.90 -0.23 0.75
CA LEU A 25 9.34 -0.23 1.06
C LEU A 25 10.03 0.80 0.21
N SER A 26 9.72 0.75 -1.06
CA SER A 26 10.27 1.64 -2.05
C SER A 26 9.20 1.86 -3.10
N TYR A 27 9.30 2.94 -3.82
CA TYR A 27 8.30 3.28 -4.78
C TYR A 27 8.95 3.68 -6.09
N SER A 28 8.50 3.09 -7.19
CA SER A 28 9.02 3.44 -8.48
C SER A 28 7.91 3.57 -9.52
N GLY A 29 7.51 4.79 -9.80
CA GLY A 29 6.51 5.10 -10.81
C GLY A 29 5.15 4.45 -10.54
N ASP A 30 4.88 3.40 -11.28
CA ASP A 30 3.60 2.70 -11.20
C ASP A 30 3.75 1.39 -10.45
N LYS A 31 4.96 1.08 -10.05
CA LYS A 31 5.25 -0.14 -9.35
C LYS A 31 5.75 0.15 -7.95
N VAL A 32 5.27 -0.63 -7.01
CA VAL A 32 5.58 -0.44 -5.63
C VAL A 32 6.14 -1.73 -5.05
N THR A 33 7.21 -1.61 -4.30
CA THR A 33 7.77 -2.73 -3.60
C THR A 33 7.24 -2.66 -2.17
N VAL A 34 6.58 -3.70 -1.72
CA VAL A 34 5.98 -3.70 -0.40
C VAL A 34 6.40 -4.93 0.39
N GLN A 35 6.13 -4.88 1.67
CA GLN A 35 6.40 -5.99 2.57
C GLN A 35 5.11 -6.35 3.25
N ASP A 36 4.84 -7.61 3.34
CA ASP A 36 3.59 -8.09 3.87
C ASP A 36 3.68 -8.35 5.37
N SER A 37 2.55 -8.58 5.97
CA SER A 37 2.42 -8.96 7.34
C SER A 37 3.09 -10.33 7.62
N ASP A 38 3.26 -11.16 6.55
CA ASP A 38 4.01 -12.43 6.64
C ASP A 38 5.50 -12.14 6.44
N GLY A 39 5.77 -10.92 5.97
CA GLY A 39 7.10 -10.48 5.71
C GLY A 39 7.54 -10.73 4.30
N ARG A 40 6.63 -11.13 3.47
CA ARG A 40 6.92 -11.34 2.08
C ARG A 40 7.06 -10.01 1.42
N THR A 41 7.97 -9.90 0.54
CA THR A 41 8.14 -8.69 -0.15
C THR A 41 7.57 -8.86 -1.56
N LEU A 42 6.64 -8.01 -1.93
CA LEU A 42 5.94 -8.19 -3.20
C LEU A 42 6.03 -6.91 -4.00
N THR A 43 5.93 -7.02 -5.29
CA THR A 43 5.94 -5.86 -6.15
C THR A 43 4.58 -5.75 -6.85
N PHE A 44 3.86 -4.69 -6.57
CA PHE A 44 2.52 -4.47 -7.11
C PHE A 44 2.44 -3.15 -7.83
N ASP A 45 1.34 -2.94 -8.52
CA ASP A 45 1.04 -1.67 -9.13
C ASP A 45 0.50 -0.74 -8.08
N ALA A 46 0.88 0.52 -8.16
CA ALA A 46 0.43 1.53 -7.20
C ALA A 46 -1.07 1.76 -7.34
N ARG A 47 -1.54 1.62 -8.56
CA ARG A 47 -2.97 1.71 -8.90
C ARG A 47 -3.80 0.58 -8.25
N LEU A 48 -3.12 -0.42 -7.72
CA LEU A 48 -3.76 -1.51 -6.99
C LEU A 48 -3.76 -1.21 -5.49
N LEU A 49 -2.77 -0.48 -5.06
CA LEU A 49 -2.57 -0.19 -3.65
C LEU A 49 -3.24 1.09 -3.24
N ARG A 50 -4.17 0.95 -2.34
CA ARG A 50 -4.83 2.09 -1.78
C ARG A 50 -4.31 2.24 -0.37
N VAL A 51 -3.84 3.42 -0.05
CA VAL A 51 -3.08 3.62 1.17
C VAL A 51 -3.97 4.07 2.31
N LYS A 52 -3.78 3.48 3.45
CA LYS A 52 -4.49 3.87 4.64
C LYS A 52 -3.63 4.71 5.54
N LYS A 53 -3.50 5.95 5.15
CA LYS A 53 -2.77 6.94 5.91
C LYS A 53 -3.78 7.59 6.84
N TRP A 54 -3.30 8.26 7.85
CA TRP A 54 -4.20 8.92 8.76
C TRP A 54 -5.01 10.02 8.14
N LEU A 55 -6.32 9.91 8.34
CA LEU A 55 -7.31 10.86 7.88
C LEU A 55 -7.19 11.12 6.38
N GLU A 56 -7.69 10.16 5.61
CA GLU A 56 -7.63 10.18 4.16
C GLU A 56 -8.37 11.38 3.58
N HIS A 57 -9.55 11.62 4.11
CA HIS A 57 -10.39 12.69 3.61
C HIS A 57 -10.09 14.00 4.32
N HIS A 58 -9.59 13.88 5.55
CA HIS A 58 -9.19 15.02 6.40
C HIS A 58 -10.44 15.77 6.92
N HIS A 59 -11.20 16.33 6.01
CA HIS A 59 -12.48 16.98 6.28
C HIS A 59 -13.43 16.73 5.14
N HIS A 60 -14.67 17.09 5.32
CA HIS A 60 -15.69 16.89 4.30
C HIS A 60 -16.63 18.08 4.31
N HIS A 61 -17.53 18.16 3.35
CA HIS A 61 -18.43 19.29 3.28
C HIS A 61 -19.72 19.01 4.03
N HIS A 62 -19.78 19.48 5.25
CA HIS A 62 -20.94 19.35 6.11
C HIS A 62 -20.69 20.17 7.34
N MET A 1 1.44 8.34 -9.74
CA MET A 1 1.92 8.65 -8.39
C MET A 1 0.74 8.71 -7.44
N ASP A 2 0.61 7.70 -6.62
CA ASP A 2 -0.51 7.63 -5.70
C ASP A 2 -0.17 8.22 -4.35
N GLY A 3 1.07 8.63 -4.17
CA GLY A 3 1.46 9.32 -2.97
C GLY A 3 1.86 8.40 -1.84
N PHE A 4 2.19 7.17 -2.16
CA PHE A 4 2.65 6.25 -1.14
C PHE A 4 4.08 6.58 -0.77
N ASP A 5 4.37 6.52 0.51
CA ASP A 5 5.69 6.85 1.04
C ASP A 5 6.26 5.59 1.68
N ARG A 6 7.57 5.53 1.89
CA ARG A 6 8.15 4.31 2.45
C ARG A 6 7.78 4.16 3.92
N GLY A 7 7.23 3.03 4.26
CA GLY A 7 6.79 2.75 5.61
C GLY A 7 5.32 2.97 5.78
N ALA A 8 4.65 3.27 4.68
CA ALA A 8 3.20 3.45 4.67
C ALA A 8 2.51 2.10 4.73
N ASP A 9 1.33 2.08 5.30
CA ASP A 9 0.53 0.87 5.36
C ASP A 9 -0.46 0.91 4.25
N VAL A 10 -0.49 -0.10 3.45
CA VAL A 10 -1.40 -0.15 2.35
C VAL A 10 -2.32 -1.32 2.49
N THR A 11 -3.49 -1.20 1.97
CA THR A 11 -4.40 -2.28 1.99
C THR A 11 -4.51 -2.90 0.62
N TYR A 12 -4.31 -4.17 0.59
CA TYR A 12 -4.43 -4.94 -0.60
C TYR A 12 -5.51 -5.97 -0.40
N THR A 13 -6.53 -5.89 -1.18
CA THR A 13 -7.57 -6.85 -1.13
C THR A 13 -7.37 -7.79 -2.31
N ASP A 14 -7.13 -9.03 -2.02
CA ASP A 14 -6.91 -9.99 -3.06
C ASP A 14 -8.25 -10.45 -3.63
N SER A 15 -8.24 -11.06 -4.81
CA SER A 15 -9.44 -11.55 -5.45
C SER A 15 -10.13 -12.65 -4.62
N ASP A 16 -9.38 -13.26 -3.69
CA ASP A 16 -9.94 -14.28 -2.80
C ASP A 16 -10.76 -13.61 -1.69
N GLY A 17 -10.58 -12.31 -1.57
CA GLY A 17 -11.30 -11.54 -0.58
C GLY A 17 -10.45 -11.17 0.60
N SER A 18 -9.26 -11.76 0.65
CA SER A 18 -8.36 -11.49 1.72
C SER A 18 -7.85 -10.06 1.65
N LYS A 19 -8.21 -9.30 2.63
CA LYS A 19 -7.75 -7.95 2.73
C LYS A 19 -6.54 -7.97 3.63
N LYS A 20 -5.42 -7.72 3.05
CA LYS A 20 -4.19 -7.83 3.74
C LYS A 20 -3.51 -6.47 3.74
N THR A 21 -2.68 -6.22 4.71
CA THR A 21 -2.03 -4.94 4.81
C THR A 21 -0.51 -5.09 4.61
N TYR A 22 0.06 -4.24 3.77
CA TYR A 22 1.47 -4.31 3.46
C TYR A 22 2.16 -3.01 3.84
N LYS A 23 3.47 -3.04 3.98
CA LYS A 23 4.25 -1.85 4.32
C LYS A 23 5.04 -1.46 3.08
N VAL A 24 4.92 -0.23 2.63
CA VAL A 24 5.65 0.22 1.45
C VAL A 24 7.15 0.28 1.75
N LEU A 25 7.95 -0.37 0.95
CA LEU A 25 9.39 -0.38 1.16
C LEU A 25 10.02 0.71 0.34
N SER A 26 9.63 0.74 -0.91
CA SER A 26 10.11 1.67 -1.87
C SER A 26 9.05 1.86 -2.93
N TYR A 27 9.19 2.89 -3.71
CA TYR A 27 8.21 3.22 -4.69
C TYR A 27 8.91 3.43 -6.02
N SER A 28 8.51 2.74 -7.04
CA SER A 28 9.15 2.86 -8.32
C SER A 28 8.11 2.99 -9.43
N GLY A 29 7.91 4.22 -9.89
CA GLY A 29 6.95 4.48 -10.94
C GLY A 29 5.53 4.19 -10.52
N ASP A 30 4.94 3.19 -11.12
CA ASP A 30 3.58 2.78 -10.80
C ASP A 30 3.60 1.50 -9.99
N LYS A 31 4.78 1.06 -9.67
CA LYS A 31 4.97 -0.15 -8.90
C LYS A 31 5.40 0.18 -7.50
N VAL A 32 4.82 -0.49 -6.56
CA VAL A 32 5.11 -0.28 -5.19
C VAL A 32 5.66 -1.56 -4.60
N THR A 33 6.87 -1.52 -4.12
CA THR A 33 7.46 -2.65 -3.47
C THR A 33 7.11 -2.56 -1.99
N VAL A 34 6.57 -3.61 -1.44
CA VAL A 34 6.04 -3.63 -0.12
C VAL A 34 6.49 -4.90 0.60
N GLN A 35 6.22 -4.98 1.88
CA GLN A 35 6.48 -6.18 2.64
C GLN A 35 5.27 -6.47 3.50
N ASP A 36 4.95 -7.72 3.69
CA ASP A 36 3.76 -8.05 4.46
C ASP A 36 4.08 -8.46 5.89
N SER A 37 3.04 -8.87 6.61
CA SER A 37 3.12 -9.27 7.99
C SER A 37 3.95 -10.57 8.19
N ASP A 38 4.09 -11.38 7.15
CA ASP A 38 4.89 -12.60 7.24
C ASP A 38 6.29 -12.25 6.79
N GLY A 39 6.38 -11.10 6.17
CA GLY A 39 7.62 -10.57 5.74
C GLY A 39 7.93 -10.86 4.32
N ARG A 40 6.95 -11.26 3.55
CA ARG A 40 7.18 -11.44 2.14
C ARG A 40 7.33 -10.07 1.55
N THR A 41 8.18 -9.92 0.62
CA THR A 41 8.32 -8.68 -0.01
C THR A 41 7.77 -8.78 -1.43
N LEU A 42 6.83 -7.95 -1.76
CA LEU A 42 6.15 -8.07 -3.03
C LEU A 42 6.15 -6.75 -3.72
N THR A 43 5.98 -6.77 -5.00
CA THR A 43 5.84 -5.57 -5.75
C THR A 43 4.46 -5.59 -6.41
N PHE A 44 3.69 -4.59 -6.13
CA PHE A 44 2.34 -4.50 -6.64
C PHE A 44 2.16 -3.23 -7.43
N ASP A 45 1.06 -3.18 -8.12
CA ASP A 45 0.62 -2.01 -8.81
C ASP A 45 0.03 -1.06 -7.82
N ALA A 46 0.40 0.20 -7.92
CA ALA A 46 -0.10 1.23 -7.00
C ALA A 46 -1.61 1.37 -7.11
N ARG A 47 -2.13 1.08 -8.29
CA ARG A 47 -3.58 1.08 -8.56
C ARG A 47 -4.30 -0.05 -7.82
N LEU A 48 -3.55 -1.02 -7.36
CA LEU A 48 -4.12 -2.17 -6.66
C LEU A 48 -4.12 -1.94 -5.15
N LEU A 49 -3.37 -0.95 -4.74
CA LEU A 49 -3.24 -0.60 -3.35
C LEU A 49 -4.12 0.56 -3.00
N ARG A 50 -4.80 0.43 -1.90
CA ARG A 50 -5.57 1.51 -1.37
C ARG A 50 -4.75 2.10 -0.25
N VAL A 51 -4.89 3.40 -0.01
CA VAL A 51 -4.10 4.09 1.02
C VAL A 51 -4.42 3.65 2.47
N LYS A 52 -5.33 2.66 2.64
CA LYS A 52 -5.75 2.10 3.95
C LYS A 52 -6.60 3.09 4.74
N LYS A 53 -6.15 4.29 4.78
CA LYS A 53 -6.74 5.36 5.52
C LYS A 53 -7.94 5.91 4.78
N TRP A 54 -8.93 6.36 5.51
CA TRP A 54 -10.09 6.95 4.93
C TRP A 54 -10.04 8.44 5.17
N LEU A 55 -10.91 9.19 4.47
CA LEU A 55 -10.94 10.66 4.53
C LEU A 55 -9.81 11.27 3.73
N GLU A 56 -10.12 11.67 2.52
CA GLU A 56 -9.18 12.31 1.61
C GLU A 56 -8.69 13.62 2.22
N HIS A 57 -9.61 14.24 2.98
CA HIS A 57 -9.38 15.50 3.65
C HIS A 57 -8.17 15.42 4.58
N HIS A 58 -7.91 14.26 5.13
CA HIS A 58 -6.79 14.09 5.99
C HIS A 58 -5.74 13.24 5.30
N HIS A 59 -4.59 13.79 5.13
CA HIS A 59 -3.48 13.10 4.50
C HIS A 59 -2.19 13.46 5.21
N HIS A 60 -1.65 12.49 5.94
CA HIS A 60 -0.43 12.64 6.75
C HIS A 60 -0.65 13.60 7.94
N HIS A 61 0.30 13.61 8.86
CA HIS A 61 0.29 14.49 10.05
C HIS A 61 -0.93 14.25 10.96
N HIS A 62 -0.71 13.61 12.07
CA HIS A 62 -1.80 13.37 13.00
C HIS A 62 -1.84 14.49 14.03
N MET A 1 1.39 9.45 -10.53
CA MET A 1 1.84 8.66 -9.38
C MET A 1 0.97 9.00 -8.19
N ASP A 2 0.79 8.05 -7.31
CA ASP A 2 -0.06 8.25 -6.13
C ASP A 2 0.68 8.87 -4.98
N GLY A 3 1.96 8.59 -4.87
CA GLY A 3 2.70 9.25 -3.81
C GLY A 3 2.95 8.40 -2.59
N PHE A 4 2.90 7.09 -2.73
CA PHE A 4 3.15 6.23 -1.58
C PHE A 4 4.59 6.35 -1.14
N ASP A 5 4.78 6.38 0.15
CA ASP A 5 6.10 6.53 0.76
C ASP A 5 6.38 5.31 1.61
N ARG A 6 7.64 5.04 1.90
CA ARG A 6 7.98 3.87 2.68
C ARG A 6 7.46 3.97 4.11
N GLY A 7 6.98 2.87 4.61
CA GLY A 7 6.42 2.84 5.94
C GLY A 7 4.91 3.03 5.91
N ALA A 8 4.35 3.10 4.72
CA ALA A 8 2.93 3.21 4.60
C ALA A 8 2.29 1.84 4.64
N ASP A 9 1.26 1.70 5.44
CA ASP A 9 0.48 0.47 5.55
C ASP A 9 -0.66 0.55 4.57
N VAL A 10 -0.69 -0.38 3.67
CA VAL A 10 -1.69 -0.40 2.63
C VAL A 10 -2.49 -1.67 2.70
N THR A 11 -3.72 -1.62 2.27
CA THR A 11 -4.52 -2.80 2.23
C THR A 11 -4.72 -3.26 0.80
N TYR A 12 -4.40 -4.49 0.59
CA TYR A 12 -4.52 -5.16 -0.68
C TYR A 12 -5.57 -6.23 -0.60
N THR A 13 -6.34 -6.37 -1.62
CA THR A 13 -7.30 -7.40 -1.68
C THR A 13 -6.99 -8.40 -2.77
N ASP A 14 -6.95 -9.66 -2.39
CA ASP A 14 -6.76 -10.74 -3.34
C ASP A 14 -8.04 -10.96 -4.14
N SER A 15 -8.01 -11.91 -5.07
CA SER A 15 -9.18 -12.23 -5.88
C SER A 15 -10.32 -12.79 -5.01
N ASP A 16 -9.95 -13.28 -3.83
CA ASP A 16 -10.92 -13.80 -2.88
C ASP A 16 -11.43 -12.69 -1.98
N GLY A 17 -10.96 -11.48 -2.21
CA GLY A 17 -11.36 -10.34 -1.42
C GLY A 17 -10.62 -10.28 -0.11
N SER A 18 -9.62 -11.14 0.03
CA SER A 18 -8.82 -11.23 1.22
C SER A 18 -8.10 -9.91 1.45
N LYS A 19 -8.31 -9.33 2.61
CA LYS A 19 -7.65 -8.10 2.94
C LYS A 19 -6.30 -8.37 3.55
N LYS A 20 -5.29 -8.06 2.83
CA LYS A 20 -3.93 -8.28 3.26
C LYS A 20 -3.33 -6.91 3.47
N THR A 21 -2.44 -6.75 4.41
CA THR A 21 -1.89 -5.44 4.67
C THR A 21 -0.37 -5.44 4.47
N TYR A 22 0.12 -4.49 3.70
CA TYR A 22 1.53 -4.43 3.38
C TYR A 22 2.10 -3.07 3.71
N LYS A 23 3.40 -3.00 3.85
CA LYS A 23 4.10 -1.74 4.07
C LYS A 23 4.92 -1.42 2.85
N VAL A 24 4.85 -0.19 2.39
CA VAL A 24 5.61 0.23 1.22
C VAL A 24 7.09 0.35 1.56
N LEU A 25 7.96 -0.19 0.70
CA LEU A 25 9.42 -0.17 0.93
C LEU A 25 10.07 0.80 -0.04
N SER A 26 9.71 0.63 -1.30
CA SER A 26 10.27 1.40 -2.37
C SER A 26 9.15 1.74 -3.32
N TYR A 27 9.25 2.86 -3.97
CA TYR A 27 8.21 3.30 -4.83
C TYR A 27 8.79 3.77 -6.16
N SER A 28 8.33 3.19 -7.24
CA SER A 28 8.80 3.55 -8.54
C SER A 28 7.63 3.64 -9.50
N GLY A 29 7.20 4.85 -9.76
CA GLY A 29 6.10 5.10 -10.66
C GLY A 29 4.82 4.49 -10.17
N ASP A 30 4.34 3.50 -10.89
CA ASP A 30 3.09 2.82 -10.55
C ASP A 30 3.39 1.44 -9.98
N LYS A 31 4.64 1.15 -9.75
CA LYS A 31 5.04 -0.08 -9.13
C LYS A 31 5.50 0.16 -7.73
N VAL A 32 4.98 -0.62 -6.82
CA VAL A 32 5.28 -0.44 -5.44
C VAL A 32 5.89 -1.71 -4.86
N THR A 33 7.02 -1.58 -4.22
CA THR A 33 7.64 -2.68 -3.54
C THR A 33 7.16 -2.62 -2.10
N VAL A 34 6.64 -3.70 -1.58
CA VAL A 34 6.06 -3.70 -0.26
C VAL A 34 6.57 -4.89 0.55
N GLN A 35 6.28 -4.87 1.82
CA GLN A 35 6.59 -5.96 2.71
C GLN A 35 5.33 -6.30 3.49
N ASP A 36 5.11 -7.56 3.71
CA ASP A 36 3.90 -8.02 4.38
C ASP A 36 4.15 -8.00 5.87
N SER A 37 3.12 -8.15 6.66
CA SER A 37 3.25 -8.23 8.10
C SER A 37 3.99 -9.53 8.47
N ASP A 38 3.98 -10.49 7.54
CA ASP A 38 4.71 -11.75 7.67
C ASP A 38 6.18 -11.52 7.29
N GLY A 39 6.43 -10.36 6.68
CA GLY A 39 7.77 -9.97 6.29
C GLY A 39 8.11 -10.25 4.87
N ARG A 40 7.20 -10.88 4.17
CA ARG A 40 7.37 -11.22 2.77
C ARG A 40 7.45 -9.95 1.96
N THR A 41 8.25 -9.92 0.96
CA THR A 41 8.35 -8.75 0.17
C THR A 41 7.71 -8.99 -1.20
N LEU A 42 6.87 -8.07 -1.64
CA LEU A 42 6.13 -8.27 -2.87
C LEU A 42 6.13 -6.97 -3.65
N THR A 43 5.88 -7.05 -4.92
CA THR A 43 5.75 -5.89 -5.74
C THR A 43 4.34 -5.88 -6.31
N PHE A 44 3.65 -4.78 -6.11
CA PHE A 44 2.28 -4.64 -6.56
C PHE A 44 2.09 -3.38 -7.36
N ASP A 45 0.95 -3.29 -7.99
CA ASP A 45 0.55 -2.12 -8.71
C ASP A 45 0.05 -1.10 -7.73
N ALA A 46 0.46 0.11 -7.91
CA ALA A 46 0.04 1.23 -7.04
C ALA A 46 -1.49 1.34 -6.93
N ARG A 47 -2.19 1.01 -8.02
CA ARG A 47 -3.66 1.06 -8.05
C ARG A 47 -4.29 -0.05 -7.23
N LEU A 48 -3.48 -1.00 -6.83
CA LEU A 48 -3.95 -2.12 -6.03
C LEU A 48 -3.91 -1.79 -4.55
N LEU A 49 -3.15 -0.77 -4.21
CA LEU A 49 -2.94 -0.39 -2.84
C LEU A 49 -3.90 0.69 -2.40
N ARG A 50 -4.52 0.47 -1.28
CA ARG A 50 -5.40 1.43 -0.67
C ARG A 50 -4.71 1.99 0.58
N VAL A 51 -4.76 3.29 0.76
CA VAL A 51 -4.03 3.95 1.82
C VAL A 51 -4.75 3.81 3.18
N LYS A 52 -4.14 3.08 4.09
CA LYS A 52 -4.68 2.91 5.44
C LYS A 52 -3.69 3.42 6.47
N LYS A 53 -2.77 4.20 6.00
CA LYS A 53 -1.78 4.83 6.83
C LYS A 53 -1.78 6.28 6.45
N TRP A 54 -2.43 7.09 7.28
CA TRP A 54 -2.72 8.47 7.01
C TRP A 54 -3.83 8.57 5.96
N LEU A 55 -4.47 9.73 5.85
CA LEU A 55 -5.60 9.98 4.93
C LEU A 55 -6.87 9.28 5.41
N GLU A 56 -6.79 8.68 6.61
CA GLU A 56 -7.89 7.95 7.24
C GLU A 56 -9.12 8.79 7.45
N HIS A 57 -8.94 10.06 7.68
CA HIS A 57 -10.06 10.95 7.90
C HIS A 57 -10.74 11.28 6.60
N HIS A 58 -9.94 11.44 5.54
CA HIS A 58 -10.42 11.98 4.27
C HIS A 58 -11.06 13.31 4.58
N HIS A 59 -10.22 14.23 5.00
CA HIS A 59 -10.68 15.50 5.53
C HIS A 59 -10.73 16.56 4.48
N HIS A 60 -11.82 17.25 4.43
CA HIS A 60 -11.96 18.36 3.55
C HIS A 60 -12.18 19.61 4.39
N HIS A 61 -11.12 19.98 5.09
CA HIS A 61 -11.05 21.14 5.97
C HIS A 61 -9.67 21.16 6.57
N HIS A 62 -9.24 22.30 7.03
CA HIS A 62 -7.91 22.44 7.58
C HIS A 62 -7.95 22.84 9.05
N MET A 1 2.24 8.63 -9.13
CA MET A 1 2.56 9.19 -7.82
C MET A 1 1.27 9.48 -7.09
N ASP A 2 0.93 8.65 -6.15
CA ASP A 2 -0.35 8.82 -5.43
C ASP A 2 -0.14 9.38 -4.03
N GLY A 3 1.10 9.35 -3.59
CA GLY A 3 1.41 9.84 -2.26
C GLY A 3 1.79 8.75 -1.30
N PHE A 4 2.19 7.59 -1.83
CA PHE A 4 2.65 6.51 -0.99
C PHE A 4 4.06 6.81 -0.51
N ASP A 5 4.33 6.54 0.74
CA ASP A 5 5.65 6.74 1.30
C ASP A 5 6.17 5.41 1.85
N ARG A 6 7.42 5.35 2.14
CA ARG A 6 8.02 4.15 2.68
C ARG A 6 7.52 3.92 4.11
N GLY A 7 7.17 2.70 4.41
CA GLY A 7 6.65 2.39 5.73
C GLY A 7 5.15 2.62 5.80
N ALA A 8 4.56 2.97 4.67
CA ALA A 8 3.15 3.21 4.59
C ALA A 8 2.38 1.92 4.60
N ASP A 9 1.18 2.01 5.08
CA ASP A 9 0.26 0.91 5.14
C ASP A 9 -0.64 1.02 3.97
N VAL A 10 -0.77 -0.02 3.24
CA VAL A 10 -1.63 -0.01 2.10
C VAL A 10 -2.72 -1.03 2.24
N THR A 11 -3.83 -0.74 1.64
CA THR A 11 -4.92 -1.60 1.65
C THR A 11 -4.87 -2.41 0.38
N TYR A 12 -4.90 -3.69 0.54
CA TYR A 12 -4.91 -4.60 -0.58
C TYR A 12 -5.85 -5.73 -0.31
N THR A 13 -6.71 -6.02 -1.21
CA THR A 13 -7.57 -7.14 -1.06
C THR A 13 -7.01 -8.24 -1.95
N ASP A 14 -6.71 -9.39 -1.36
CA ASP A 14 -6.08 -10.48 -2.10
C ASP A 14 -7.06 -11.28 -2.92
N SER A 15 -6.53 -12.26 -3.62
CA SER A 15 -7.27 -13.11 -4.51
C SER A 15 -8.14 -14.12 -3.76
N ASP A 16 -7.92 -14.25 -2.46
CA ASP A 16 -8.73 -15.14 -1.64
C ASP A 16 -9.93 -14.38 -1.12
N GLY A 17 -9.85 -13.08 -1.25
CA GLY A 17 -10.92 -12.21 -0.84
C GLY A 17 -10.67 -11.58 0.50
N SER A 18 -9.44 -11.65 0.96
CA SER A 18 -9.12 -11.10 2.24
C SER A 18 -8.51 -9.71 2.10
N LYS A 19 -8.93 -8.83 2.93
CA LYS A 19 -8.39 -7.50 2.97
C LYS A 19 -7.14 -7.54 3.83
N LYS A 20 -6.02 -7.30 3.21
CA LYS A 20 -4.74 -7.42 3.84
C LYS A 20 -4.01 -6.09 3.80
N THR A 21 -3.14 -5.85 4.75
CA THR A 21 -2.40 -4.62 4.79
C THR A 21 -0.90 -4.90 4.59
N TYR A 22 -0.24 -4.07 3.80
CA TYR A 22 1.18 -4.22 3.51
C TYR A 22 1.92 -2.93 3.81
N LYS A 23 3.22 -3.02 3.98
CA LYS A 23 4.07 -1.83 4.20
C LYS A 23 4.92 -1.54 2.99
N VAL A 24 4.86 -0.31 2.51
CA VAL A 24 5.63 0.10 1.33
C VAL A 24 7.13 0.15 1.67
N LEU A 25 7.94 -0.44 0.83
CA LEU A 25 9.38 -0.46 1.06
C LEU A 25 10.02 0.56 0.16
N SER A 26 9.63 0.50 -1.09
CA SER A 26 10.15 1.38 -2.10
C SER A 26 9.07 1.62 -3.12
N TYR A 27 9.13 2.76 -3.74
CA TYR A 27 8.15 3.14 -4.71
C TYR A 27 8.88 3.38 -6.02
N SER A 28 8.48 2.69 -7.05
CA SER A 28 9.11 2.83 -8.34
C SER A 28 8.06 2.98 -9.44
N GLY A 29 7.86 4.22 -9.87
CA GLY A 29 6.89 4.50 -10.89
C GLY A 29 5.49 4.16 -10.44
N ASP A 30 4.89 3.21 -11.11
CA ASP A 30 3.56 2.73 -10.72
C ASP A 30 3.65 1.38 -10.05
N LYS A 31 4.86 0.97 -9.76
CA LYS A 31 5.09 -0.27 -9.05
C LYS A 31 5.53 0.03 -7.64
N VAL A 32 4.92 -0.62 -6.71
CA VAL A 32 5.22 -0.42 -5.32
C VAL A 32 5.67 -1.71 -4.71
N THR A 33 6.87 -1.72 -4.21
CA THR A 33 7.37 -2.87 -3.52
C THR A 33 7.01 -2.72 -2.04
N VAL A 34 6.35 -3.71 -1.51
CA VAL A 34 5.84 -3.70 -0.17
C VAL A 34 6.30 -4.97 0.54
N GLN A 35 6.06 -5.05 1.81
CA GLN A 35 6.33 -6.24 2.57
C GLN A 35 5.08 -6.60 3.33
N ASP A 36 4.77 -7.88 3.41
CA ASP A 36 3.50 -8.28 4.02
C ASP A 36 3.69 -8.77 5.45
N SER A 37 2.62 -9.24 6.05
CA SER A 37 2.61 -9.76 7.39
C SER A 37 3.47 -11.04 7.55
N ASP A 38 3.60 -11.83 6.49
CA ASP A 38 4.45 -13.02 6.53
C ASP A 38 5.89 -12.59 6.27
N GLY A 39 6.03 -11.38 5.79
CA GLY A 39 7.30 -10.79 5.57
C GLY A 39 7.84 -11.02 4.21
N ARG A 40 6.98 -11.34 3.29
CA ARG A 40 7.39 -11.46 1.94
C ARG A 40 7.35 -10.10 1.34
N THR A 41 8.24 -9.82 0.47
CA THR A 41 8.23 -8.57 -0.16
C THR A 41 7.58 -8.74 -1.54
N LEU A 42 6.56 -8.00 -1.81
CA LEU A 42 5.83 -8.15 -3.07
C LEU A 42 5.81 -6.82 -3.77
N THR A 43 5.73 -6.83 -5.06
CA THR A 43 5.61 -5.62 -5.80
C THR A 43 4.27 -5.60 -6.53
N PHE A 44 3.49 -4.59 -6.24
CA PHE A 44 2.18 -4.44 -6.78
C PHE A 44 2.06 -3.12 -7.52
N ASP A 45 0.99 -2.97 -8.25
CA ASP A 45 0.70 -1.73 -8.93
C ASP A 45 0.14 -0.74 -7.93
N ALA A 46 0.61 0.47 -7.98
CA ALA A 46 0.20 1.53 -7.06
C ALA A 46 -1.29 1.83 -7.18
N ARG A 47 -1.83 1.63 -8.37
CA ARG A 47 -3.25 1.85 -8.61
C ARG A 47 -4.10 0.78 -7.92
N LEU A 48 -3.48 -0.35 -7.61
CA LEU A 48 -4.15 -1.46 -6.95
C LEU A 48 -4.22 -1.22 -5.45
N LEU A 49 -3.23 -0.53 -4.96
CA LEU A 49 -3.10 -0.24 -3.57
C LEU A 49 -3.77 1.04 -3.24
N ARG A 50 -4.08 1.19 -2.01
CA ARG A 50 -4.63 2.43 -1.50
C ARG A 50 -3.90 2.76 -0.23
N VAL A 51 -3.55 4.00 -0.03
CA VAL A 51 -2.80 4.37 1.17
C VAL A 51 -3.78 4.36 2.36
N LYS A 52 -3.54 3.47 3.30
CA LYS A 52 -4.42 3.28 4.45
C LYS A 52 -4.15 4.34 5.53
N LYS A 53 -3.07 5.08 5.34
CA LYS A 53 -2.73 6.18 6.21
C LYS A 53 -2.66 7.43 5.36
N TRP A 54 -2.24 8.54 5.95
CA TRP A 54 -2.08 9.81 5.25
C TRP A 54 -3.44 10.40 4.81
N LEU A 55 -3.45 11.69 4.52
CA LEU A 55 -4.66 12.42 4.15
C LEU A 55 -5.69 12.48 5.28
N GLU A 56 -6.73 13.22 5.06
CA GLU A 56 -7.77 13.38 6.07
C GLU A 56 -8.73 12.19 6.10
N HIS A 57 -9.00 11.62 4.92
CA HIS A 57 -9.95 10.51 4.83
C HIS A 57 -9.40 9.20 5.35
N HIS A 58 -8.12 9.14 5.59
CA HIS A 58 -7.54 7.95 6.18
C HIS A 58 -7.05 8.27 7.56
N HIS A 59 -6.01 9.12 7.63
CA HIS A 59 -5.46 9.64 8.90
C HIS A 59 -5.05 8.51 9.87
N HIS A 60 -3.80 8.16 9.85
CA HIS A 60 -3.28 7.09 10.68
C HIS A 60 -1.88 7.46 11.11
N HIS A 61 -1.76 7.99 12.31
CA HIS A 61 -0.49 8.43 12.83
C HIS A 61 0.36 7.25 13.31
N HIS A 62 1.05 6.66 12.37
CA HIS A 62 1.95 5.55 12.60
C HIS A 62 2.42 5.09 11.25
N MET A 1 1.76 10.36 -9.16
CA MET A 1 1.91 9.15 -8.35
C MET A 1 0.86 9.15 -7.26
N ASP A 2 0.83 8.12 -6.45
CA ASP A 2 -0.14 8.05 -5.37
C ASP A 2 0.42 8.56 -4.06
N GLY A 3 1.71 8.83 -4.03
CA GLY A 3 2.29 9.47 -2.87
C GLY A 3 2.58 8.54 -1.70
N PHE A 4 2.71 7.26 -1.95
CA PHE A 4 3.05 6.36 -0.86
C PHE A 4 4.52 6.54 -0.51
N ASP A 5 4.82 6.53 0.78
CA ASP A 5 6.20 6.67 1.25
C ASP A 5 6.68 5.32 1.69
N ARG A 6 7.97 5.17 1.92
CA ARG A 6 8.45 3.94 2.47
C ARG A 6 8.03 3.84 3.93
N GLY A 7 7.43 2.73 4.27
CA GLY A 7 6.90 2.55 5.60
C GLY A 7 5.41 2.84 5.62
N ALA A 8 4.85 3.11 4.46
CA ALA A 8 3.43 3.37 4.33
C ALA A 8 2.63 2.10 4.40
N ASP A 9 1.52 2.16 5.09
CA ASP A 9 0.60 1.05 5.17
C ASP A 9 -0.35 1.12 4.01
N VAL A 10 -0.46 0.06 3.27
CA VAL A 10 -1.38 0.03 2.14
C VAL A 10 -2.37 -1.10 2.31
N THR A 11 -3.55 -0.93 1.78
CA THR A 11 -4.57 -1.90 1.88
C THR A 11 -4.57 -2.73 0.60
N TYR A 12 -4.53 -4.00 0.78
CA TYR A 12 -4.56 -4.92 -0.33
C TYR A 12 -5.62 -5.97 -0.07
N THR A 13 -6.40 -6.24 -1.05
CA THR A 13 -7.40 -7.24 -0.92
C THR A 13 -7.12 -8.37 -1.91
N ASP A 14 -7.00 -9.57 -1.39
CA ASP A 14 -6.71 -10.75 -2.19
C ASP A 14 -7.92 -11.16 -2.98
N SER A 15 -7.74 -12.07 -3.92
CA SER A 15 -8.82 -12.59 -4.72
C SER A 15 -9.71 -13.51 -3.86
N ASP A 16 -9.17 -13.89 -2.71
CA ASP A 16 -9.89 -14.70 -1.73
C ASP A 16 -10.87 -13.82 -0.95
N GLY A 17 -10.71 -12.52 -1.12
CA GLY A 17 -11.55 -11.57 -0.42
C GLY A 17 -10.98 -11.21 0.93
N SER A 18 -9.73 -11.56 1.11
CA SER A 18 -9.04 -11.30 2.33
C SER A 18 -8.38 -9.95 2.24
N LYS A 19 -8.33 -9.23 3.32
CA LYS A 19 -7.72 -7.93 3.33
C LYS A 19 -6.44 -7.95 4.13
N LYS A 20 -5.36 -7.72 3.45
CA LYS A 20 -4.05 -7.66 4.03
C LYS A 20 -3.44 -6.28 3.91
N THR A 21 -2.62 -5.91 4.85
CA THR A 21 -2.00 -4.62 4.83
C THR A 21 -0.49 -4.78 4.65
N TYR A 22 0.05 -4.08 3.69
CA TYR A 22 1.44 -4.20 3.36
C TYR A 22 2.14 -2.89 3.63
N LYS A 23 3.43 -2.95 3.82
CA LYS A 23 4.21 -1.76 4.05
C LYS A 23 5.15 -1.51 2.89
N VAL A 24 5.12 -0.30 2.37
CA VAL A 24 5.94 0.07 1.23
C VAL A 24 7.42 0.11 1.61
N LEU A 25 8.25 -0.50 0.79
CA LEU A 25 9.69 -0.55 1.05
C LEU A 25 10.37 0.53 0.27
N SER A 26 9.99 0.60 -0.97
CA SER A 26 10.49 1.56 -1.90
C SER A 26 9.38 1.88 -2.87
N TYR A 27 9.35 3.08 -3.36
CA TYR A 27 8.27 3.50 -4.18
C TYR A 27 8.82 4.10 -5.47
N SER A 28 8.40 3.57 -6.58
CA SER A 28 8.87 4.06 -7.83
C SER A 28 7.72 4.18 -8.82
N GLY A 29 7.24 5.40 -8.99
CA GLY A 29 6.15 5.69 -9.91
C GLY A 29 4.90 4.87 -9.65
N ASP A 30 4.64 3.96 -10.56
CA ASP A 30 3.44 3.13 -10.53
C ASP A 30 3.72 1.77 -9.91
N LYS A 31 4.98 1.48 -9.67
CA LYS A 31 5.35 0.20 -9.09
C LYS A 31 5.76 0.40 -7.66
N VAL A 32 5.19 -0.40 -6.80
CA VAL A 32 5.45 -0.29 -5.40
C VAL A 32 6.03 -1.60 -4.90
N THR A 33 7.12 -1.50 -4.19
CA THR A 33 7.71 -2.65 -3.57
C THR A 33 7.23 -2.64 -2.11
N VAL A 34 6.64 -3.72 -1.66
CA VAL A 34 6.04 -3.76 -0.34
C VAL A 34 6.44 -5.02 0.41
N GLN A 35 6.14 -5.02 1.69
CA GLN A 35 6.32 -6.17 2.53
C GLN A 35 4.98 -6.58 3.10
N ASP A 36 4.75 -7.87 3.10
CA ASP A 36 3.48 -8.49 3.47
C ASP A 36 3.36 -8.58 4.98
N SER A 37 2.20 -8.94 5.47
CA SER A 37 1.96 -9.09 6.89
C SER A 37 2.83 -10.24 7.44
N ASP A 38 3.10 -11.23 6.59
CA ASP A 38 3.98 -12.35 6.93
C ASP A 38 5.44 -11.95 6.74
N GLY A 39 5.62 -10.82 6.10
CA GLY A 39 6.94 -10.27 5.91
C GLY A 39 7.56 -10.58 4.58
N ARG A 40 6.77 -11.15 3.71
CA ARG A 40 7.24 -11.48 2.37
C ARG A 40 7.28 -10.21 1.57
N THR A 41 8.15 -10.11 0.65
CA THR A 41 8.25 -8.92 -0.14
C THR A 41 7.63 -9.12 -1.50
N LEU A 42 6.81 -8.18 -1.93
CA LEU A 42 6.12 -8.30 -3.20
C LEU A 42 6.19 -6.97 -3.92
N THR A 43 6.00 -7.01 -5.20
CA THR A 43 5.94 -5.82 -5.98
C THR A 43 4.53 -5.72 -6.57
N PHE A 44 3.90 -4.60 -6.43
CA PHE A 44 2.57 -4.40 -6.94
C PHE A 44 2.48 -3.11 -7.70
N ASP A 45 1.40 -2.94 -8.40
CA ASP A 45 1.10 -1.69 -9.04
C ASP A 45 0.39 -0.82 -8.05
N ALA A 46 0.68 0.43 -8.06
CA ALA A 46 0.09 1.40 -7.14
C ALA A 46 -1.43 1.47 -7.29
N ARG A 47 -1.91 1.17 -8.48
CA ARG A 47 -3.35 1.13 -8.76
C ARG A 47 -4.02 -0.07 -8.06
N LEU A 48 -3.21 -1.04 -7.65
CA LEU A 48 -3.71 -2.23 -6.95
C LEU A 48 -3.78 -1.98 -5.46
N LEU A 49 -3.06 -0.99 -5.02
CA LEU A 49 -3.01 -0.62 -3.63
C LEU A 49 -4.14 0.27 -3.27
N ARG A 50 -4.94 -0.18 -2.36
CA ARG A 50 -6.03 0.57 -1.86
C ARG A 50 -5.49 1.47 -0.77
N VAL A 51 -5.86 2.72 -0.78
CA VAL A 51 -5.29 3.67 0.16
C VAL A 51 -5.73 3.42 1.61
N LYS A 52 -4.77 3.03 2.44
CA LYS A 52 -5.01 2.85 3.86
C LYS A 52 -4.87 4.23 4.50
N LYS A 53 -4.07 5.07 3.88
CA LYS A 53 -3.90 6.43 4.33
C LYS A 53 -5.03 7.27 3.76
N TRP A 54 -5.34 8.35 4.43
CA TRP A 54 -6.30 9.26 3.94
C TRP A 54 -6.03 10.61 4.59
N LEU A 55 -6.79 11.61 4.19
CA LEU A 55 -6.64 13.00 4.63
C LEU A 55 -6.64 13.11 6.16
N GLU A 56 -7.54 12.39 6.80
CA GLU A 56 -7.68 12.45 8.26
C GLU A 56 -6.43 11.95 8.97
N HIS A 57 -5.88 10.85 8.47
CA HIS A 57 -4.65 10.29 9.03
C HIS A 57 -3.48 11.20 8.70
N HIS A 58 -3.51 11.79 7.52
CA HIS A 58 -2.45 12.66 7.04
C HIS A 58 -2.47 14.01 7.76
N HIS A 59 -3.56 14.30 8.46
CA HIS A 59 -3.63 15.51 9.28
C HIS A 59 -2.89 15.27 10.56
N HIS A 60 -3.12 14.09 11.14
CA HIS A 60 -2.45 13.70 12.39
C HIS A 60 -0.95 13.66 12.21
N HIS A 61 -0.51 13.04 11.14
CA HIS A 61 0.88 13.04 10.83
C HIS A 61 1.06 13.61 9.44
N HIS A 62 1.36 14.87 9.40
CA HIS A 62 1.57 15.57 8.17
C HIS A 62 3.05 15.50 7.84
N MET A 1 3.64 8.41 -7.76
CA MET A 1 2.41 8.56 -8.54
C MET A 1 1.19 8.71 -7.65
N ASP A 2 0.91 7.70 -6.84
CA ASP A 2 -0.32 7.68 -6.04
C ASP A 2 -0.16 8.27 -4.66
N GLY A 3 1.02 8.77 -4.34
CA GLY A 3 1.20 9.42 -3.07
C GLY A 3 1.63 8.48 -1.98
N PHE A 4 2.17 7.34 -2.33
CA PHE A 4 2.62 6.40 -1.32
C PHE A 4 4.06 6.69 -0.93
N ASP A 5 4.33 6.58 0.34
CA ASP A 5 5.65 6.82 0.90
C ASP A 5 6.15 5.54 1.51
N ARG A 6 7.44 5.33 1.54
CA ARG A 6 7.98 4.13 2.14
C ARG A 6 7.63 4.06 3.63
N GLY A 7 7.10 2.95 4.04
CA GLY A 7 6.67 2.78 5.41
C GLY A 7 5.18 2.94 5.54
N ALA A 8 4.53 3.19 4.43
CA ALA A 8 3.09 3.33 4.41
C ALA A 8 2.42 1.97 4.43
N ASP A 9 1.32 1.89 5.11
CA ASP A 9 0.52 0.68 5.10
C ASP A 9 -0.50 0.82 3.99
N VAL A 10 -0.60 -0.17 3.15
CA VAL A 10 -1.51 -0.11 2.03
C VAL A 10 -2.55 -1.22 2.13
N THR A 11 -3.71 -0.98 1.59
CA THR A 11 -4.73 -1.97 1.60
C THR A 11 -4.77 -2.70 0.28
N TYR A 12 -4.68 -3.98 0.35
CA TYR A 12 -4.76 -4.84 -0.78
C TYR A 12 -5.69 -5.96 -0.47
N THR A 13 -6.71 -6.10 -1.24
CA THR A 13 -7.64 -7.16 -0.97
C THR A 13 -7.27 -8.34 -1.84
N ASP A 14 -6.93 -9.42 -1.17
CA ASP A 14 -6.41 -10.61 -1.82
C ASP A 14 -7.55 -11.43 -2.45
N SER A 15 -7.19 -12.44 -3.22
CA SER A 15 -8.14 -13.25 -3.97
C SER A 15 -9.13 -14.01 -3.06
N ASP A 16 -8.76 -14.27 -1.81
CA ASP A 16 -9.71 -14.93 -0.88
C ASP A 16 -10.73 -13.96 -0.34
N GLY A 17 -10.51 -12.69 -0.60
CA GLY A 17 -11.43 -11.68 -0.15
C GLY A 17 -10.99 -11.04 1.13
N SER A 18 -9.81 -11.38 1.57
CA SER A 18 -9.27 -10.81 2.76
C SER A 18 -8.56 -9.51 2.44
N LYS A 19 -8.87 -8.49 3.19
CA LYS A 19 -8.24 -7.21 3.03
C LYS A 19 -6.93 -7.26 3.78
N LYS A 20 -5.87 -7.28 3.05
CA LYS A 20 -4.59 -7.47 3.63
C LYS A 20 -3.83 -6.18 3.57
N THR A 21 -2.97 -5.96 4.52
CA THR A 21 -2.26 -4.72 4.58
C THR A 21 -0.76 -4.96 4.49
N TYR A 22 -0.14 -4.27 3.55
CA TYR A 22 1.28 -4.41 3.30
C TYR A 22 1.96 -3.10 3.59
N LYS A 23 3.24 -3.14 3.84
CA LYS A 23 4.00 -1.91 4.09
C LYS A 23 4.89 -1.60 2.93
N VAL A 24 4.85 -0.36 2.46
CA VAL A 24 5.69 0.07 1.34
C VAL A 24 7.15 0.08 1.78
N LEU A 25 8.03 -0.48 0.98
CA LEU A 25 9.45 -0.54 1.33
C LEU A 25 10.18 0.56 0.61
N SER A 26 9.91 0.62 -0.66
CA SER A 26 10.48 1.57 -1.55
C SER A 26 9.49 1.80 -2.65
N TYR A 27 9.55 2.93 -3.27
CA TYR A 27 8.56 3.29 -4.25
C TYR A 27 9.24 3.73 -5.54
N SER A 28 8.76 3.23 -6.67
CA SER A 28 9.27 3.64 -7.96
C SER A 28 8.14 3.86 -8.99
N GLY A 29 7.78 5.12 -9.21
CA GLY A 29 6.79 5.50 -10.21
C GLY A 29 5.41 4.91 -9.97
N ASP A 30 5.07 3.90 -10.75
CA ASP A 30 3.77 3.25 -10.64
C ASP A 30 3.88 1.90 -9.97
N LYS A 31 5.09 1.56 -9.54
CA LYS A 31 5.35 0.32 -8.87
C LYS A 31 5.67 0.56 -7.41
N VAL A 32 5.10 -0.27 -6.57
CA VAL A 32 5.28 -0.16 -5.15
C VAL A 32 5.78 -1.50 -4.62
N THR A 33 6.97 -1.51 -4.09
CA THR A 33 7.51 -2.68 -3.46
C THR A 33 7.12 -2.65 -1.99
N VAL A 34 6.54 -3.73 -1.51
CA VAL A 34 5.96 -3.79 -0.19
C VAL A 34 6.40 -5.05 0.53
N GLN A 35 6.07 -5.14 1.79
CA GLN A 35 6.33 -6.32 2.59
C GLN A 35 5.01 -6.84 3.13
N ASP A 36 4.91 -8.14 3.19
CA ASP A 36 3.70 -8.87 3.59
C ASP A 36 3.75 -9.14 5.09
N SER A 37 2.63 -9.53 5.67
CA SER A 37 2.52 -9.81 7.08
C SER A 37 3.42 -10.99 7.51
N ASP A 38 3.61 -11.96 6.62
CA ASP A 38 4.50 -13.08 6.91
C ASP A 38 5.89 -12.79 6.40
N GLY A 39 6.07 -11.56 5.97
CA GLY A 39 7.35 -11.08 5.55
C GLY A 39 7.75 -11.44 4.17
N ARG A 40 6.80 -11.59 3.30
CA ARG A 40 7.11 -11.74 1.90
C ARG A 40 7.37 -10.33 1.37
N THR A 41 8.15 -10.19 0.37
CA THR A 41 8.30 -8.91 -0.23
C THR A 41 7.77 -8.96 -1.64
N LEU A 42 6.85 -8.07 -1.96
CA LEU A 42 6.17 -8.12 -3.24
C LEU A 42 6.22 -6.76 -3.88
N THR A 43 6.03 -6.73 -5.15
CA THR A 43 5.92 -5.48 -5.85
C THR A 43 4.58 -5.46 -6.60
N PHE A 44 3.80 -4.46 -6.31
CA PHE A 44 2.50 -4.30 -6.92
C PHE A 44 2.44 -2.97 -7.61
N ASP A 45 1.42 -2.77 -8.39
CA ASP A 45 1.18 -1.50 -9.00
C ASP A 45 0.52 -0.59 -8.01
N ALA A 46 0.85 0.66 -8.07
CA ALA A 46 0.29 1.67 -7.18
C ALA A 46 -1.22 1.80 -7.41
N ARG A 47 -1.65 1.53 -8.64
CA ARG A 47 -3.08 1.57 -8.99
C ARG A 47 -3.84 0.43 -8.29
N LEU A 48 -3.12 -0.60 -7.89
CA LEU A 48 -3.70 -1.77 -7.25
C LEU A 48 -3.84 -1.56 -5.76
N LEU A 49 -3.06 -0.65 -5.25
CA LEU A 49 -3.03 -0.35 -3.86
C LEU A 49 -3.94 0.78 -3.52
N ARG A 50 -4.33 0.81 -2.30
CA ARG A 50 -5.17 1.83 -1.78
C ARG A 50 -4.63 2.19 -0.41
N VAL A 51 -4.93 3.37 0.07
CA VAL A 51 -4.51 3.77 1.39
C VAL A 51 -5.31 3.00 2.45
N LYS A 52 -4.82 2.95 3.67
CA LYS A 52 -5.53 2.24 4.71
C LYS A 52 -6.47 3.12 5.52
N LYS A 53 -6.75 4.29 4.98
CA LYS A 53 -7.72 5.18 5.58
C LYS A 53 -9.10 4.80 5.08
N TRP A 54 -9.89 4.19 5.95
CA TRP A 54 -11.24 3.78 5.61
C TRP A 54 -12.12 4.91 5.15
N LEU A 55 -12.98 4.57 4.16
CA LEU A 55 -13.96 5.49 3.60
C LEU A 55 -13.28 6.75 3.10
N GLU A 56 -12.22 6.53 2.32
CA GLU A 56 -11.32 7.58 1.82
C GLU A 56 -12.09 8.69 1.10
N HIS A 57 -12.94 8.35 0.15
CA HIS A 57 -13.63 9.41 -0.59
C HIS A 57 -14.80 9.99 0.18
N HIS A 58 -15.17 9.37 1.27
CA HIS A 58 -16.25 9.87 2.07
C HIS A 58 -15.80 10.25 3.50
N HIS A 59 -15.24 11.41 3.61
CA HIS A 59 -14.86 12.00 4.88
C HIS A 59 -15.26 13.46 4.84
N HIS A 60 -15.29 14.11 5.99
CA HIS A 60 -15.47 15.57 6.02
C HIS A 60 -14.15 16.20 5.60
N HIS A 61 -13.10 15.48 5.97
CA HIS A 61 -11.69 15.76 5.72
C HIS A 61 -10.98 14.71 6.53
N HIS A 62 -11.56 14.46 7.68
CA HIS A 62 -11.17 13.40 8.56
C HIS A 62 -12.41 12.60 8.86
N MET A 1 1.53 10.45 -8.34
CA MET A 1 1.75 9.22 -7.55
C MET A 1 0.58 9.02 -6.62
N ASP A 2 0.44 7.81 -6.11
CA ASP A 2 -0.69 7.46 -5.23
C ASP A 2 -0.51 7.98 -3.80
N GLY A 3 0.66 8.54 -3.53
CA GLY A 3 0.90 9.15 -2.25
C GLY A 3 1.48 8.20 -1.24
N PHE A 4 2.04 7.10 -1.71
CA PHE A 4 2.70 6.18 -0.81
C PHE A 4 4.17 6.55 -0.69
N ASP A 5 4.69 6.48 0.50
CA ASP A 5 6.10 6.76 0.77
C ASP A 5 6.65 5.50 1.43
N ARG A 6 7.95 5.37 1.59
CA ARG A 6 8.46 4.16 2.25
C ARG A 6 8.02 4.13 3.72
N GLY A 7 7.54 3.01 4.16
CA GLY A 7 7.04 2.90 5.50
C GLY A 7 5.55 3.14 5.57
N ALA A 8 4.94 3.32 4.42
CA ALA A 8 3.50 3.52 4.32
C ALA A 8 2.79 2.21 4.40
N ASP A 9 1.63 2.21 4.98
CA ASP A 9 0.83 1.02 5.04
C ASP A 9 -0.14 1.04 3.90
N VAL A 10 -0.22 -0.02 3.18
CA VAL A 10 -1.11 -0.09 2.07
C VAL A 10 -2.12 -1.15 2.30
N THR A 11 -3.29 -0.99 1.75
CA THR A 11 -4.26 -2.01 1.89
C THR A 11 -4.39 -2.73 0.58
N TYR A 12 -4.21 -4.00 0.63
CA TYR A 12 -4.28 -4.83 -0.52
C TYR A 12 -5.44 -5.74 -0.39
N THR A 13 -6.35 -5.63 -1.29
CA THR A 13 -7.43 -6.53 -1.31
C THR A 13 -7.18 -7.49 -2.45
N ASP A 14 -7.03 -8.72 -2.09
CA ASP A 14 -6.71 -9.76 -3.04
C ASP A 14 -7.91 -10.16 -3.87
N SER A 15 -7.65 -10.88 -4.96
CA SER A 15 -8.68 -11.38 -5.86
C SER A 15 -9.69 -12.26 -5.08
N ASP A 16 -9.20 -12.94 -4.04
CA ASP A 16 -10.04 -13.80 -3.22
C ASP A 16 -10.87 -12.98 -2.22
N GLY A 17 -10.53 -11.71 -2.10
CA GLY A 17 -11.25 -10.82 -1.21
C GLY A 17 -10.50 -10.51 0.07
N SER A 18 -9.36 -11.14 0.26
CA SER A 18 -8.57 -10.93 1.45
C SER A 18 -8.01 -9.52 1.49
N LYS A 19 -8.34 -8.80 2.52
CA LYS A 19 -7.80 -7.48 2.74
C LYS A 19 -6.63 -7.58 3.67
N LYS A 20 -5.47 -7.35 3.18
CA LYS A 20 -4.30 -7.43 4.00
C LYS A 20 -3.53 -6.14 3.90
N THR A 21 -2.76 -5.82 4.90
CA THR A 21 -2.03 -4.60 4.91
C THR A 21 -0.53 -4.88 4.86
N TYR A 22 0.15 -4.17 3.99
CA TYR A 22 1.59 -4.35 3.76
C TYR A 22 2.27 -3.01 3.94
N LYS A 23 3.57 -3.01 4.13
CA LYS A 23 4.30 -1.76 4.26
C LYS A 23 5.19 -1.51 3.05
N VAL A 24 5.18 -0.29 2.56
CA VAL A 24 5.94 0.08 1.37
C VAL A 24 7.44 0.16 1.70
N LEU A 25 8.25 -0.50 0.92
CA LEU A 25 9.68 -0.52 1.13
C LEU A 25 10.31 0.55 0.27
N SER A 26 9.87 0.57 -0.96
CA SER A 26 10.31 1.52 -1.95
C SER A 26 9.18 1.70 -2.93
N TYR A 27 9.18 2.81 -3.60
CA TYR A 27 8.11 3.14 -4.46
C TYR A 27 8.64 3.59 -5.81
N SER A 28 8.10 3.04 -6.88
CA SER A 28 8.53 3.44 -8.20
C SER A 28 7.30 3.65 -9.11
N GLY A 29 6.92 4.91 -9.28
CA GLY A 29 5.78 5.28 -10.13
C GLY A 29 4.46 4.58 -9.76
N ASP A 30 4.14 3.54 -10.48
CA ASP A 30 2.92 2.76 -10.27
C ASP A 30 3.22 1.44 -9.60
N LYS A 31 4.47 1.19 -9.33
CA LYS A 31 4.88 -0.05 -8.69
C LYS A 31 5.28 0.19 -7.26
N VAL A 32 4.76 -0.61 -6.40
CA VAL A 32 5.01 -0.48 -5.00
C VAL A 32 5.67 -1.75 -4.48
N THR A 33 6.84 -1.61 -3.92
CA THR A 33 7.53 -2.71 -3.30
C THR A 33 7.11 -2.73 -1.84
N VAL A 34 6.64 -3.86 -1.34
CA VAL A 34 6.10 -3.92 0.00
C VAL A 34 6.62 -5.13 0.76
N GLN A 35 6.39 -5.15 2.04
CA GLN A 35 6.72 -6.28 2.87
C GLN A 35 5.47 -6.74 3.62
N ASP A 36 5.32 -8.03 3.69
CA ASP A 36 4.13 -8.69 4.24
C ASP A 36 4.25 -8.85 5.75
N SER A 37 3.15 -9.24 6.39
CA SER A 37 3.08 -9.47 7.82
C SER A 37 4.06 -10.58 8.25
N ASP A 38 4.32 -11.54 7.35
CA ASP A 38 5.30 -12.60 7.62
C ASP A 38 6.66 -12.24 7.04
N GLY A 39 6.75 -11.01 6.57
CA GLY A 39 7.99 -10.50 6.06
C GLY A 39 8.30 -10.90 4.65
N ARG A 40 7.30 -11.32 3.91
CA ARG A 40 7.48 -11.60 2.50
C ARG A 40 7.66 -10.28 1.81
N THR A 41 8.36 -10.25 0.74
CA THR A 41 8.49 -9.02 0.04
C THR A 41 7.81 -9.14 -1.32
N LEU A 42 6.92 -8.22 -1.61
CA LEU A 42 6.13 -8.33 -2.81
C LEU A 42 6.16 -7.02 -3.58
N THR A 43 5.87 -7.08 -4.85
CA THR A 43 5.77 -5.90 -5.67
C THR A 43 4.37 -5.86 -6.26
N PHE A 44 3.64 -4.84 -5.97
CA PHE A 44 2.29 -4.74 -6.43
C PHE A 44 2.08 -3.48 -7.22
N ASP A 45 1.01 -3.48 -7.97
CA ASP A 45 0.59 -2.34 -8.70
C ASP A 45 -0.17 -1.44 -7.75
N ALA A 46 0.17 -0.19 -7.72
CA ALA A 46 -0.41 0.78 -6.79
C ALA A 46 -1.93 0.91 -6.95
N ARG A 47 -2.42 0.60 -8.12
CA ARG A 47 -3.85 0.65 -8.42
C ARG A 47 -4.60 -0.50 -7.77
N LEU A 48 -3.86 -1.49 -7.34
CA LEU A 48 -4.39 -2.67 -6.69
C LEU A 48 -4.42 -2.46 -5.20
N LEU A 49 -3.71 -1.45 -4.78
CA LEU A 49 -3.62 -1.06 -3.42
C LEU A 49 -4.55 0.08 -3.19
N ARG A 50 -5.37 -0.02 -2.18
CA ARG A 50 -6.18 1.08 -1.84
C ARG A 50 -5.34 1.97 -0.98
N VAL A 51 -5.26 3.21 -1.36
CA VAL A 51 -4.44 4.18 -0.71
C VAL A 51 -4.81 4.39 0.73
N LYS A 52 -3.86 4.21 1.60
CA LYS A 52 -4.06 4.63 2.94
C LYS A 52 -3.53 6.02 3.02
N LYS A 53 -4.31 6.89 2.48
CA LYS A 53 -4.01 8.26 2.40
C LYS A 53 -5.28 8.94 2.76
N TRP A 54 -5.45 9.22 4.01
CA TRP A 54 -6.67 9.82 4.49
C TRP A 54 -6.46 11.30 4.73
N LEU A 55 -5.44 11.81 4.09
CA LEU A 55 -5.14 13.20 4.11
C LEU A 55 -5.83 13.85 2.93
N GLU A 56 -7.10 14.16 3.13
CA GLU A 56 -7.98 14.65 2.09
C GLU A 56 -7.67 16.08 1.66
N HIS A 57 -7.26 16.93 2.59
CA HIS A 57 -6.93 18.30 2.20
C HIS A 57 -5.50 18.39 1.71
N HIS A 58 -4.74 17.32 1.94
CA HIS A 58 -3.35 17.15 1.46
C HIS A 58 -2.37 18.10 2.16
N HIS A 59 -1.49 17.53 2.95
CA HIS A 59 -0.48 18.31 3.63
C HIS A 59 0.78 17.48 3.85
N HIS A 60 0.65 16.38 4.56
CA HIS A 60 1.81 15.57 4.90
C HIS A 60 2.25 14.72 3.72
N HIS A 61 3.49 14.90 3.33
CA HIS A 61 4.11 14.09 2.30
C HIS A 61 5.62 14.04 2.54
N HIS A 62 6.24 15.20 2.63
CA HIS A 62 7.64 15.33 3.01
C HIS A 62 7.81 16.63 3.73
N MET A 1 3.65 9.78 -9.53
CA MET A 1 3.76 9.12 -8.22
C MET A 1 2.55 9.47 -7.44
N ASP A 2 1.92 8.48 -6.86
CA ASP A 2 0.64 8.68 -6.18
C ASP A 2 0.82 9.35 -4.82
N GLY A 3 1.98 9.18 -4.22
CA GLY A 3 2.23 9.77 -2.94
C GLY A 3 2.33 8.77 -1.80
N PHE A 4 2.59 7.53 -2.11
CA PHE A 4 2.84 6.53 -1.08
C PHE A 4 4.26 6.72 -0.55
N ASP A 5 4.43 6.49 0.73
CA ASP A 5 5.72 6.72 1.39
C ASP A 5 6.25 5.41 1.95
N ARG A 6 7.56 5.30 2.09
CA ARG A 6 8.14 4.10 2.66
C ARG A 6 7.73 3.94 4.13
N GLY A 7 7.14 2.81 4.44
CA GLY A 7 6.62 2.54 5.77
C GLY A 7 5.10 2.70 5.83
N ALA A 8 4.52 3.14 4.73
CA ALA A 8 3.08 3.32 4.61
C ALA A 8 2.37 2.02 4.52
N ASP A 9 1.21 1.93 5.13
CA ASP A 9 0.39 0.76 5.03
C ASP A 9 -0.50 0.90 3.82
N VAL A 10 -0.71 -0.19 3.13
CA VAL A 10 -1.57 -0.21 1.96
C VAL A 10 -2.52 -1.39 2.04
N THR A 11 -3.68 -1.26 1.46
CA THR A 11 -4.64 -2.29 1.51
C THR A 11 -4.70 -3.03 0.17
N TYR A 12 -4.59 -4.31 0.27
CA TYR A 12 -4.65 -5.24 -0.84
C TYR A 12 -5.58 -6.37 -0.45
N THR A 13 -6.56 -6.64 -1.25
CA THR A 13 -7.49 -7.67 -0.90
C THR A 13 -7.29 -8.89 -1.82
N ASP A 14 -7.08 -10.05 -1.21
CA ASP A 14 -6.86 -11.28 -1.97
C ASP A 14 -8.13 -11.84 -2.56
N SER A 15 -7.99 -12.92 -3.32
CA SER A 15 -9.10 -13.57 -4.01
C SER A 15 -10.14 -14.12 -3.02
N ASP A 16 -9.75 -14.30 -1.77
CA ASP A 16 -10.65 -14.83 -0.76
C ASP A 16 -11.47 -13.72 -0.12
N GLY A 17 -11.21 -12.50 -0.54
CA GLY A 17 -11.90 -11.37 0.05
C GLY A 17 -11.22 -10.92 1.32
N SER A 18 -10.03 -11.42 1.53
CA SER A 18 -9.25 -11.10 2.69
C SER A 18 -8.60 -9.74 2.50
N LYS A 19 -8.95 -8.81 3.35
CA LYS A 19 -8.33 -7.51 3.31
C LYS A 19 -6.99 -7.62 3.98
N LYS A 20 -5.96 -7.48 3.23
CA LYS A 20 -4.65 -7.69 3.69
C LYS A 20 -3.88 -6.38 3.60
N THR A 21 -3.01 -6.14 4.52
CA THR A 21 -2.30 -4.90 4.55
C THR A 21 -0.79 -5.15 4.43
N TYR A 22 -0.14 -4.32 3.64
CA TYR A 22 1.28 -4.40 3.42
C TYR A 22 1.90 -3.05 3.73
N LYS A 23 3.21 -3.02 3.88
CA LYS A 23 3.92 -1.77 4.10
C LYS A 23 4.86 -1.48 2.97
N VAL A 24 4.83 -0.25 2.49
CA VAL A 24 5.66 0.17 1.37
C VAL A 24 7.13 0.19 1.77
N LEU A 25 7.98 -0.38 0.96
CA LEU A 25 9.41 -0.42 1.25
C LEU A 25 10.10 0.64 0.44
N SER A 26 9.76 0.65 -0.82
CA SER A 26 10.34 1.54 -1.78
C SER A 26 9.28 1.84 -2.81
N TYR A 27 9.31 3.00 -3.36
CA TYR A 27 8.34 3.39 -4.32
C TYR A 27 9.07 3.71 -5.61
N SER A 28 8.60 3.20 -6.71
CA SER A 28 9.26 3.46 -7.96
C SER A 28 8.25 3.76 -9.06
N GLY A 29 8.10 5.04 -9.35
CA GLY A 29 7.16 5.49 -10.37
C GLY A 29 5.73 5.04 -10.14
N ASP A 30 5.32 4.03 -10.87
CA ASP A 30 3.97 3.47 -10.77
C ASP A 30 3.98 2.15 -10.03
N LYS A 31 5.15 1.71 -9.64
CA LYS A 31 5.29 0.45 -8.93
C LYS A 31 5.62 0.68 -7.47
N VAL A 32 5.07 -0.15 -6.64
CA VAL A 32 5.25 -0.06 -5.22
C VAL A 32 5.80 -1.36 -4.68
N THR A 33 6.92 -1.30 -4.05
CA THR A 33 7.50 -2.43 -3.41
C THR A 33 7.03 -2.43 -1.96
N VAL A 34 6.53 -3.54 -1.48
CA VAL A 34 5.94 -3.62 -0.16
C VAL A 34 6.41 -4.89 0.53
N GLN A 35 6.15 -5.01 1.80
CA GLN A 35 6.44 -6.22 2.51
C GLN A 35 5.20 -6.72 3.20
N ASP A 36 5.08 -8.00 3.27
CA ASP A 36 3.95 -8.69 3.80
C ASP A 36 4.13 -8.92 5.29
N SER A 37 3.05 -9.23 6.00
CA SER A 37 3.13 -9.47 7.43
C SER A 37 3.90 -10.76 7.72
N ASP A 38 3.89 -11.69 6.77
CA ASP A 38 4.65 -12.92 6.89
C ASP A 38 6.09 -12.65 6.44
N GLY A 39 6.28 -11.49 5.83
CA GLY A 39 7.58 -11.00 5.48
C GLY A 39 7.94 -11.08 4.03
N ARG A 40 7.04 -11.54 3.21
CA ARG A 40 7.28 -11.61 1.79
C ARG A 40 7.37 -10.21 1.23
N THR A 41 8.28 -9.99 0.34
CA THR A 41 8.42 -8.69 -0.25
C THR A 41 7.81 -8.75 -1.64
N LEU A 42 6.93 -7.84 -1.96
CA LEU A 42 6.24 -7.90 -3.22
C LEU A 42 6.31 -6.57 -3.92
N THR A 43 6.11 -6.57 -5.20
CA THR A 43 6.07 -5.38 -5.97
C THR A 43 4.75 -5.34 -6.73
N PHE A 44 3.96 -4.34 -6.45
CA PHE A 44 2.65 -4.20 -7.05
C PHE A 44 2.57 -2.88 -7.77
N ASP A 45 1.53 -2.72 -8.55
CA ASP A 45 1.23 -1.47 -9.19
C ASP A 45 0.57 -0.57 -8.19
N ALA A 46 0.90 0.70 -8.21
CA ALA A 46 0.32 1.68 -7.28
C ALA A 46 -1.18 1.75 -7.43
N ARG A 47 -1.65 1.56 -8.64
CA ARG A 47 -3.08 1.59 -8.95
C ARG A 47 -3.81 0.38 -8.38
N LEU A 48 -3.04 -0.62 -7.93
CA LEU A 48 -3.60 -1.82 -7.35
C LEU A 48 -3.78 -1.68 -5.84
N LEU A 49 -3.20 -0.66 -5.27
CA LEU A 49 -3.19 -0.45 -3.85
C LEU A 49 -4.20 0.58 -3.42
N ARG A 50 -4.98 0.24 -2.43
CA ARG A 50 -5.87 1.19 -1.82
C ARG A 50 -5.08 1.95 -0.78
N VAL A 51 -5.25 3.26 -0.77
CA VAL A 51 -4.46 4.18 0.05
C VAL A 51 -4.33 3.83 1.52
N LYS A 52 -5.41 3.27 2.14
CA LYS A 52 -5.37 2.89 3.58
C LYS A 52 -5.24 4.17 4.44
N LYS A 53 -5.66 5.27 3.86
CA LYS A 53 -5.53 6.56 4.48
C LYS A 53 -6.89 7.09 4.89
N TRP A 54 -7.00 7.45 6.15
CA TRP A 54 -8.23 8.01 6.69
C TRP A 54 -8.21 9.54 6.65
N LEU A 55 -7.16 10.08 6.05
CA LEU A 55 -6.98 11.52 5.97
C LEU A 55 -7.99 12.13 5.01
N GLU A 56 -9.04 12.66 5.58
CA GLU A 56 -10.12 13.27 4.83
C GLU A 56 -9.75 14.67 4.36
N HIS A 57 -8.92 15.35 5.15
CA HIS A 57 -8.48 16.70 4.79
C HIS A 57 -7.77 16.68 3.45
N HIS A 58 -6.96 15.64 3.24
CA HIS A 58 -6.29 15.36 1.97
C HIS A 58 -5.57 16.60 1.41
N HIS A 59 -4.41 16.88 1.95
CA HIS A 59 -3.63 18.04 1.51
C HIS A 59 -2.64 17.59 0.45
N HIS A 60 -2.35 16.31 0.45
CA HIS A 60 -1.48 15.71 -0.54
C HIS A 60 -2.39 15.15 -1.61
N HIS A 61 -1.84 14.72 -2.73
CA HIS A 61 -2.72 14.26 -3.80
C HIS A 61 -2.83 12.74 -3.84
N HIS A 62 -3.68 12.30 -4.72
CA HIS A 62 -3.85 10.91 -5.06
C HIS A 62 -4.10 10.88 -6.55
N MET A 1 7.27 12.22 -2.58
CA MET A 1 6.79 10.99 -3.25
C MET A 1 5.33 11.18 -3.68
N ASP A 2 4.69 10.11 -4.19
CA ASP A 2 3.30 10.19 -4.74
C ASP A 2 2.20 10.26 -3.65
N GLY A 3 2.61 10.28 -2.42
CA GLY A 3 1.66 10.25 -1.33
C GLY A 3 1.77 8.93 -0.62
N PHE A 4 2.54 8.06 -1.21
CA PHE A 4 2.99 6.86 -0.56
C PHE A 4 4.31 7.19 0.07
N ASP A 5 4.54 6.71 1.25
CA ASP A 5 5.78 6.96 1.93
C ASP A 5 6.38 5.61 2.24
N ARG A 6 7.70 5.47 2.26
CA ARG A 6 8.21 4.17 2.64
C ARG A 6 8.02 3.94 4.13
N GLY A 7 7.40 2.83 4.45
CA GLY A 7 6.99 2.58 5.81
C GLY A 7 5.49 2.81 5.99
N ALA A 8 4.81 3.10 4.88
CA ALA A 8 3.36 3.30 4.87
C ALA A 8 2.62 1.99 4.82
N ASP A 9 1.45 1.95 5.45
CA ASP A 9 0.60 0.77 5.41
C ASP A 9 -0.43 0.92 4.31
N VAL A 10 -0.56 -0.09 3.51
CA VAL A 10 -1.50 -0.11 2.42
C VAL A 10 -2.38 -1.33 2.53
N THR A 11 -3.57 -1.23 2.04
CA THR A 11 -4.45 -2.33 2.04
C THR A 11 -4.56 -2.89 0.62
N TYR A 12 -4.30 -4.14 0.52
CA TYR A 12 -4.37 -4.87 -0.71
C TYR A 12 -5.42 -5.92 -0.61
N THR A 13 -6.32 -5.95 -1.52
CA THR A 13 -7.33 -6.93 -1.48
C THR A 13 -6.93 -8.08 -2.41
N ASP A 14 -6.80 -9.27 -1.86
CA ASP A 14 -6.39 -10.42 -2.65
C ASP A 14 -7.50 -10.91 -3.54
N SER A 15 -7.14 -11.80 -4.43
CA SER A 15 -8.04 -12.42 -5.37
C SER A 15 -9.13 -13.23 -4.66
N ASP A 16 -8.86 -13.61 -3.41
CA ASP A 16 -9.82 -14.33 -2.59
C ASP A 16 -10.86 -13.39 -2.00
N GLY A 17 -10.63 -12.09 -2.15
CA GLY A 17 -11.58 -11.12 -1.69
C GLY A 17 -11.24 -10.53 -0.34
N SER A 18 -10.30 -11.13 0.35
CA SER A 18 -9.95 -10.67 1.67
C SER A 18 -8.89 -9.58 1.57
N LYS A 19 -9.02 -8.54 2.36
CA LYS A 19 -8.07 -7.47 2.38
C LYS A 19 -6.88 -7.87 3.24
N LYS A 20 -5.72 -7.51 2.81
CA LYS A 20 -4.51 -7.80 3.52
C LYS A 20 -3.72 -6.50 3.58
N THR A 21 -2.88 -6.33 4.55
CA THR A 21 -2.18 -5.08 4.70
C THR A 21 -0.69 -5.25 4.46
N TYR A 22 -0.10 -4.33 3.70
CA TYR A 22 1.31 -4.38 3.36
C TYR A 22 1.97 -3.05 3.67
N LYS A 23 3.26 -3.05 3.71
CA LYS A 23 4.04 -1.85 4.02
C LYS A 23 4.91 -1.45 2.83
N VAL A 24 4.80 -0.22 2.39
CA VAL A 24 5.55 0.25 1.20
C VAL A 24 7.05 0.33 1.48
N LEU A 25 7.88 -0.24 0.61
CA LEU A 25 9.34 -0.23 0.80
C LEU A 25 9.96 0.78 -0.12
N SER A 26 9.57 0.71 -1.36
CA SER A 26 10.06 1.57 -2.39
C SER A 26 8.99 1.76 -3.42
N TYR A 27 9.05 2.83 -4.15
CA TYR A 27 8.01 3.14 -5.08
C TYR A 27 8.63 3.48 -6.44
N SER A 28 8.15 2.83 -7.48
CA SER A 28 8.61 3.13 -8.81
C SER A 28 7.44 3.15 -9.80
N GLY A 29 6.97 4.35 -10.12
CA GLY A 29 5.87 4.54 -11.06
C GLY A 29 4.60 3.83 -10.67
N ASP A 30 4.33 2.73 -11.33
CA ASP A 30 3.14 1.93 -11.07
C ASP A 30 3.46 0.72 -10.24
N LYS A 31 4.72 0.49 -9.99
CA LYS A 31 5.12 -0.65 -9.22
C LYS A 31 5.56 -0.25 -7.85
N VAL A 32 5.03 -0.92 -6.88
CA VAL A 32 5.32 -0.64 -5.52
C VAL A 32 5.79 -1.90 -4.84
N THR A 33 7.00 -1.89 -4.35
CA THR A 33 7.49 -3.00 -3.63
C THR A 33 7.11 -2.80 -2.16
N VAL A 34 6.51 -3.79 -1.58
CA VAL A 34 5.97 -3.70 -0.27
C VAL A 34 6.45 -4.89 0.57
N GLN A 35 6.15 -4.83 1.83
CA GLN A 35 6.47 -5.87 2.77
C GLN A 35 5.20 -6.38 3.40
N ASP A 36 5.14 -7.66 3.53
CA ASP A 36 3.99 -8.38 4.04
C ASP A 36 4.00 -8.43 5.56
N SER A 37 2.89 -8.85 6.14
CA SER A 37 2.73 -9.01 7.56
C SER A 37 3.74 -10.05 8.12
N ASP A 38 4.09 -11.04 7.32
CA ASP A 38 5.10 -12.03 7.71
C ASP A 38 6.47 -11.60 7.25
N GLY A 39 6.52 -10.45 6.61
CA GLY A 39 7.76 -9.89 6.16
C GLY A 39 8.17 -10.34 4.79
N ARG A 40 7.24 -10.82 4.01
CA ARG A 40 7.52 -11.17 2.64
C ARG A 40 7.64 -9.88 1.86
N THR A 41 8.35 -9.88 0.80
CA THR A 41 8.44 -8.71 0.01
C THR A 41 7.82 -8.96 -1.36
N LEU A 42 6.92 -8.09 -1.76
CA LEU A 42 6.19 -8.30 -3.01
C LEU A 42 6.14 -7.00 -3.76
N THR A 43 5.92 -7.07 -5.04
CA THR A 43 5.77 -5.88 -5.82
C THR A 43 4.39 -5.88 -6.47
N PHE A 44 3.63 -4.86 -6.18
CA PHE A 44 2.28 -4.74 -6.66
C PHE A 44 2.13 -3.47 -7.46
N ASP A 45 1.03 -3.36 -8.14
CA ASP A 45 0.70 -2.18 -8.87
C ASP A 45 0.12 -1.17 -7.91
N ALA A 46 0.48 0.07 -8.08
CA ALA A 46 0.01 1.16 -7.22
C ALA A 46 -1.51 1.27 -7.24
N ARG A 47 -2.10 0.91 -8.36
CA ARG A 47 -3.55 0.94 -8.54
C ARG A 47 -4.24 -0.19 -7.79
N LEU A 48 -3.46 -1.08 -7.21
CA LEU A 48 -3.94 -2.17 -6.39
C LEU A 48 -3.90 -1.79 -4.90
N LEU A 49 -3.10 -0.80 -4.58
CA LEU A 49 -2.88 -0.39 -3.20
C LEU A 49 -3.80 0.71 -2.78
N ARG A 50 -4.51 0.46 -1.73
CA ARG A 50 -5.36 1.43 -1.14
C ARG A 50 -4.65 1.89 0.13
N VAL A 51 -4.73 3.15 0.45
CA VAL A 51 -3.99 3.63 1.60
C VAL A 51 -4.75 3.46 2.92
N LYS A 52 -4.04 3.05 3.95
CA LYS A 52 -4.59 2.94 5.31
C LYS A 52 -4.53 4.34 5.96
N LYS A 53 -3.86 5.24 5.23
CA LYS A 53 -3.61 6.62 5.63
C LYS A 53 -2.55 6.73 6.68
N TRP A 54 -1.37 7.09 6.25
CA TRP A 54 -0.26 7.34 7.15
C TRP A 54 -0.20 8.85 7.41
N LEU A 55 -1.12 9.55 6.77
CA LEU A 55 -1.22 10.98 6.84
C LEU A 55 -1.73 11.41 8.20
N GLU A 56 -0.81 11.78 9.03
CA GLU A 56 -1.09 12.22 10.37
C GLU A 56 -1.58 13.65 10.39
N HIS A 57 -1.11 14.43 9.45
CA HIS A 57 -1.41 15.85 9.43
C HIS A 57 -2.58 16.13 8.48
N HIS A 58 -2.88 15.18 7.62
CA HIS A 58 -3.98 15.32 6.67
C HIS A 58 -4.99 14.19 6.90
N HIS A 59 -5.05 13.68 8.12
CA HIS A 59 -5.99 12.63 8.44
C HIS A 59 -7.38 13.25 8.47
N HIS A 60 -7.54 14.29 9.28
CA HIS A 60 -8.79 15.03 9.29
C HIS A 60 -8.60 16.44 9.81
N HIS A 61 -8.46 17.36 8.89
CA HIS A 61 -8.39 18.78 9.17
C HIS A 61 -9.19 19.49 8.12
N HIS A 62 -10.49 19.38 8.24
CA HIS A 62 -11.43 19.92 7.29
C HIS A 62 -12.82 19.58 7.78
N MET A 1 2.52 7.47 -9.81
CA MET A 1 2.88 8.06 -8.51
C MET A 1 1.62 8.49 -7.80
N ASP A 2 1.17 7.67 -6.86
CA ASP A 2 -0.10 7.89 -6.18
C ASP A 2 0.05 8.52 -4.81
N GLY A 3 1.27 8.59 -4.30
CA GLY A 3 1.45 9.23 -3.01
C GLY A 3 1.78 8.29 -1.88
N PHE A 4 2.27 7.12 -2.21
CA PHE A 4 2.66 6.16 -1.20
C PHE A 4 4.08 6.45 -0.73
N ASP A 5 4.29 6.32 0.56
CA ASP A 5 5.58 6.61 1.18
C ASP A 5 6.11 5.37 1.89
N ARG A 6 7.39 5.29 2.13
CA ARG A 6 7.97 4.13 2.80
C ARG A 6 7.43 4.01 4.24
N GLY A 7 7.03 2.82 4.60
CA GLY A 7 6.47 2.60 5.91
C GLY A 7 4.97 2.72 5.91
N ALA A 8 4.42 3.07 4.77
CA ALA A 8 2.98 3.21 4.61
C ALA A 8 2.35 1.87 4.50
N ASP A 9 1.26 1.69 5.18
CA ASP A 9 0.49 0.49 5.05
C ASP A 9 -0.42 0.65 3.88
N VAL A 10 -0.50 -0.36 3.08
CA VAL A 10 -1.36 -0.31 1.94
C VAL A 10 -2.41 -1.37 2.07
N THR A 11 -3.54 -1.11 1.51
CA THR A 11 -4.58 -2.05 1.51
C THR A 11 -4.68 -2.72 0.18
N TYR A 12 -4.62 -4.01 0.22
CA TYR A 12 -4.71 -4.82 -0.94
C TYR A 12 -5.73 -5.88 -0.69
N THR A 13 -6.74 -5.90 -1.49
CA THR A 13 -7.72 -6.89 -1.31
C THR A 13 -7.41 -8.04 -2.27
N ASP A 14 -7.15 -9.18 -1.69
CA ASP A 14 -6.73 -10.36 -2.41
C ASP A 14 -7.91 -11.03 -3.11
N SER A 15 -7.62 -11.92 -4.06
CA SER A 15 -8.63 -12.65 -4.82
C SER A 15 -9.57 -13.46 -3.90
N ASP A 16 -9.09 -13.81 -2.71
CA ASP A 16 -9.90 -14.52 -1.72
C ASP A 16 -10.89 -13.60 -1.02
N GLY A 17 -10.80 -12.32 -1.30
CA GLY A 17 -11.70 -11.36 -0.68
C GLY A 17 -11.16 -10.88 0.64
N SER A 18 -9.95 -11.25 0.94
CA SER A 18 -9.32 -10.88 2.16
C SER A 18 -8.63 -9.53 1.97
N LYS A 19 -8.90 -8.61 2.86
CA LYS A 19 -8.23 -7.35 2.82
C LYS A 19 -6.92 -7.49 3.56
N LYS A 20 -5.85 -7.44 2.83
CA LYS A 20 -4.56 -7.68 3.35
C LYS A 20 -3.77 -6.38 3.36
N THR A 21 -2.84 -6.25 4.26
CA THR A 21 -2.09 -5.04 4.39
C THR A 21 -0.58 -5.32 4.24
N TYR A 22 0.13 -4.40 3.63
CA TYR A 22 1.58 -4.50 3.44
C TYR A 22 2.19 -3.15 3.75
N LYS A 23 3.50 -3.07 3.93
CA LYS A 23 4.16 -1.77 4.14
C LYS A 23 5.04 -1.47 2.95
N VAL A 24 5.00 -0.23 2.49
CA VAL A 24 5.79 0.20 1.36
C VAL A 24 7.27 0.29 1.74
N LEU A 25 8.14 -0.33 0.95
CA LEU A 25 9.58 -0.32 1.22
C LEU A 25 10.21 0.77 0.39
N SER A 26 9.86 0.74 -0.87
CA SER A 26 10.34 1.64 -1.85
C SER A 26 9.26 1.79 -2.87
N TYR A 27 9.32 2.82 -3.65
CA TYR A 27 8.28 3.11 -4.56
C TYR A 27 8.86 3.55 -5.89
N SER A 28 8.33 3.04 -6.98
CA SER A 28 8.77 3.46 -8.28
C SER A 28 7.59 3.65 -9.24
N GLY A 29 7.19 4.91 -9.42
CA GLY A 29 6.14 5.28 -10.38
C GLY A 29 4.80 4.59 -10.15
N ASP A 30 4.59 3.52 -10.88
CA ASP A 30 3.34 2.76 -10.84
C ASP A 30 3.53 1.45 -10.07
N LYS A 31 4.75 1.20 -9.65
CA LYS A 31 5.10 0.01 -8.92
C LYS A 31 5.42 0.33 -7.48
N VAL A 32 5.00 -0.54 -6.61
CA VAL A 32 5.24 -0.38 -5.20
C VAL A 32 5.87 -1.66 -4.67
N THR A 33 7.02 -1.53 -4.05
CA THR A 33 7.68 -2.66 -3.43
C THR A 33 7.27 -2.65 -1.96
N VAL A 34 6.72 -3.73 -1.47
CA VAL A 34 6.17 -3.77 -0.13
C VAL A 34 6.65 -5.01 0.64
N GLN A 35 6.43 -4.98 1.93
CA GLN A 35 6.71 -6.13 2.79
C GLN A 35 5.46 -6.53 3.57
N ASP A 36 5.24 -7.81 3.63
CA ASP A 36 4.08 -8.42 4.24
C ASP A 36 4.25 -8.60 5.75
N SER A 37 3.19 -8.99 6.43
CA SER A 37 3.18 -9.24 7.86
C SER A 37 4.12 -10.44 8.20
N ASP A 38 4.21 -11.40 7.28
CA ASP A 38 5.10 -12.55 7.46
C ASP A 38 6.49 -12.17 6.99
N GLY A 39 6.57 -11.05 6.30
CA GLY A 39 7.81 -10.52 5.83
C GLY A 39 8.09 -10.83 4.39
N ARG A 40 7.07 -11.27 3.67
CA ARG A 40 7.20 -11.50 2.24
C ARG A 40 7.44 -10.15 1.60
N THR A 41 8.18 -10.10 0.57
CA THR A 41 8.39 -8.86 -0.11
C THR A 41 7.76 -8.95 -1.50
N LEU A 42 6.87 -8.06 -1.82
CA LEU A 42 6.15 -8.16 -3.07
C LEU A 42 6.20 -6.86 -3.83
N THR A 43 5.96 -6.92 -5.11
CA THR A 43 5.88 -5.75 -5.94
C THR A 43 4.48 -5.68 -6.53
N PHE A 44 3.78 -4.63 -6.22
CA PHE A 44 2.41 -4.49 -6.68
C PHE A 44 2.21 -3.25 -7.49
N ASP A 45 1.06 -3.17 -8.12
CA ASP A 45 0.66 -2.01 -8.86
C ASP A 45 0.09 -0.99 -7.93
N ALA A 46 0.60 0.19 -8.02
CA ALA A 46 0.16 1.32 -7.19
C ALA A 46 -1.32 1.62 -7.40
N ARG A 47 -1.79 1.35 -8.59
CA ARG A 47 -3.20 1.54 -8.95
C ARG A 47 -4.10 0.50 -8.28
N LEU A 48 -3.51 -0.56 -7.80
CA LEU A 48 -4.22 -1.60 -7.11
C LEU A 48 -4.20 -1.37 -5.60
N LEU A 49 -3.20 -0.67 -5.16
CA LEU A 49 -2.99 -0.39 -3.78
C LEU A 49 -3.67 0.88 -3.37
N ARG A 50 -4.16 0.85 -2.19
CA ARG A 50 -4.81 1.97 -1.57
C ARG A 50 -4.19 2.13 -0.22
N VAL A 51 -4.39 3.26 0.41
CA VAL A 51 -3.81 3.48 1.72
C VAL A 51 -4.61 2.77 2.82
N LYS A 52 -4.09 2.83 4.04
CA LYS A 52 -4.74 2.20 5.21
C LYS A 52 -5.77 3.18 5.80
N LYS A 53 -6.26 4.02 4.96
CA LYS A 53 -7.19 5.03 5.33
C LYS A 53 -8.09 5.27 4.13
N TRP A 54 -9.26 5.81 4.37
CA TRP A 54 -10.16 6.15 3.29
C TRP A 54 -9.70 7.53 2.72
N LEU A 55 -10.49 8.13 1.87
CA LEU A 55 -10.18 9.43 1.31
C LEU A 55 -10.45 10.53 2.34
N GLU A 56 -9.62 10.55 3.36
CA GLU A 56 -9.70 11.49 4.46
C GLU A 56 -9.10 12.82 4.08
N HIS A 57 -8.07 12.78 3.24
CA HIS A 57 -7.35 13.99 2.89
C HIS A 57 -8.30 15.00 2.23
N HIS A 58 -9.23 14.48 1.42
CA HIS A 58 -10.36 15.23 0.80
C HIS A 58 -9.91 16.28 -0.25
N HIS A 59 -8.89 17.05 0.06
CA HIS A 59 -8.34 18.01 -0.87
C HIS A 59 -7.44 17.29 -1.84
N HIS A 60 -7.91 17.10 -3.05
CA HIS A 60 -7.16 16.38 -4.02
C HIS A 60 -6.11 17.27 -4.66
N HIS A 61 -4.88 17.03 -4.30
CA HIS A 61 -3.76 17.74 -4.86
C HIS A 61 -2.75 16.72 -5.31
N HIS A 62 -2.66 16.50 -6.57
CA HIS A 62 -1.71 15.55 -7.08
C HIS A 62 -0.52 16.29 -7.64
N MET A 1 1.32 13.31 -3.39
CA MET A 1 0.62 13.30 -4.69
C MET A 1 -0.13 11.98 -4.88
N ASP A 2 0.62 10.89 -4.90
CA ASP A 2 0.02 9.55 -5.02
C ASP A 2 -0.56 9.08 -3.69
N GLY A 3 0.07 9.50 -2.61
CA GLY A 3 -0.41 9.21 -1.29
C GLY A 3 0.37 8.10 -0.61
N PHE A 4 1.26 7.47 -1.34
CA PHE A 4 2.06 6.41 -0.79
C PHE A 4 3.34 6.97 -0.25
N ASP A 5 3.74 6.50 0.88
CA ASP A 5 4.99 6.90 1.50
C ASP A 5 5.82 5.65 1.74
N ARG A 6 7.13 5.76 1.84
CA ARG A 6 7.88 4.58 2.16
C ARG A 6 7.64 4.22 3.63
N GLY A 7 7.28 3.01 3.89
CA GLY A 7 6.92 2.61 5.23
C GLY A 7 5.43 2.64 5.43
N ALA A 8 4.72 3.13 4.42
CA ALA A 8 3.27 3.24 4.45
C ALA A 8 2.62 1.90 4.47
N ASP A 9 1.50 1.83 5.09
CA ASP A 9 0.71 0.64 5.09
C ASP A 9 -0.20 0.75 3.91
N VAL A 10 -0.38 -0.29 3.20
CA VAL A 10 -1.30 -0.25 2.10
C VAL A 10 -2.33 -1.32 2.29
N THR A 11 -3.49 -1.08 1.79
CA THR A 11 -4.53 -2.01 1.88
C THR A 11 -4.72 -2.65 0.53
N TYR A 12 -4.68 -3.93 0.51
CA TYR A 12 -4.80 -4.69 -0.70
C TYR A 12 -5.79 -5.82 -0.55
N THR A 13 -6.71 -5.92 -1.47
CA THR A 13 -7.63 -7.03 -1.51
C THR A 13 -7.13 -8.08 -2.49
N ASP A 14 -6.86 -9.25 -1.99
CA ASP A 14 -6.39 -10.34 -2.83
C ASP A 14 -7.60 -11.07 -3.42
N SER A 15 -7.36 -12.09 -4.22
CA SER A 15 -8.39 -12.91 -4.86
C SER A 15 -9.43 -13.46 -3.86
N ASP A 16 -9.01 -13.64 -2.61
CA ASP A 16 -9.91 -14.13 -1.54
C ASP A 16 -10.82 -13.03 -1.04
N GLY A 17 -10.53 -11.81 -1.47
CA GLY A 17 -11.29 -10.64 -1.03
C GLY A 17 -10.81 -10.18 0.32
N SER A 18 -9.73 -10.76 0.73
CA SER A 18 -9.11 -10.49 1.97
C SER A 18 -8.44 -9.15 1.93
N LYS A 19 -8.72 -8.33 2.91
CA LYS A 19 -8.08 -7.05 3.01
C LYS A 19 -6.79 -7.26 3.74
N LYS A 20 -5.73 -7.16 3.05
CA LYS A 20 -4.47 -7.42 3.64
C LYS A 20 -3.67 -6.15 3.62
N THR A 21 -2.89 -5.94 4.63
CA THR A 21 -2.16 -4.73 4.74
C THR A 21 -0.65 -5.00 4.66
N TYR A 22 0.01 -4.27 3.78
CA TYR A 22 1.43 -4.42 3.53
C TYR A 22 2.14 -3.12 3.87
N LYS A 23 3.45 -3.16 3.94
CA LYS A 23 4.27 -1.94 4.19
C LYS A 23 5.12 -1.62 2.97
N VAL A 24 5.02 -0.40 2.47
CA VAL A 24 5.79 0.04 1.30
C VAL A 24 7.27 0.13 1.65
N LEU A 25 8.14 -0.38 0.81
CA LEU A 25 9.58 -0.33 1.10
C LEU A 25 10.20 0.79 0.30
N SER A 26 9.88 0.79 -0.98
CA SER A 26 10.34 1.76 -1.93
C SER A 26 9.28 1.91 -2.99
N TYR A 27 9.20 3.06 -3.60
CA TYR A 27 8.17 3.35 -4.55
C TYR A 27 8.79 3.76 -5.89
N SER A 28 8.42 3.09 -6.96
CA SER A 28 8.94 3.43 -8.26
C SER A 28 7.83 3.40 -9.32
N GLY A 29 7.33 4.56 -9.70
CA GLY A 29 6.30 4.67 -10.70
C GLY A 29 4.99 4.09 -10.26
N ASP A 30 4.54 3.07 -10.96
CA ASP A 30 3.30 2.39 -10.61
C ASP A 30 3.63 1.06 -9.97
N LYS A 31 4.89 0.81 -9.72
CA LYS A 31 5.27 -0.39 -9.04
C LYS A 31 5.69 -0.07 -7.63
N VAL A 32 5.11 -0.80 -6.72
CA VAL A 32 5.35 -0.60 -5.33
C VAL A 32 5.92 -1.87 -4.75
N THR A 33 7.04 -1.76 -4.11
CA THR A 33 7.63 -2.88 -3.45
C THR A 33 7.22 -2.80 -1.99
N VAL A 34 6.62 -3.85 -1.49
CA VAL A 34 6.08 -3.84 -0.16
C VAL A 34 6.56 -5.06 0.62
N GLN A 35 6.26 -5.07 1.88
CA GLN A 35 6.52 -6.19 2.75
C GLN A 35 5.20 -6.69 3.32
N ASP A 36 5.09 -7.99 3.39
CA ASP A 36 3.89 -8.68 3.80
C ASP A 36 3.92 -8.91 5.30
N SER A 37 2.82 -9.35 5.87
CA SER A 37 2.74 -9.64 7.28
C SER A 37 3.61 -10.85 7.67
N ASP A 38 3.87 -11.74 6.72
CA ASP A 38 4.80 -12.86 6.94
C ASP A 38 6.23 -12.36 6.77
N GLY A 39 6.33 -11.17 6.21
CA GLY A 39 7.61 -10.54 5.99
C GLY A 39 8.10 -10.70 4.59
N ARG A 40 7.28 -11.28 3.74
CA ARG A 40 7.61 -11.42 2.34
C ARG A 40 7.70 -10.07 1.71
N THR A 41 8.39 -9.99 0.65
CA THR A 41 8.43 -8.78 -0.06
C THR A 41 7.78 -9.01 -1.42
N LEU A 42 6.82 -8.17 -1.74
CA LEU A 42 6.09 -8.36 -2.98
C LEU A 42 6.15 -7.08 -3.77
N THR A 43 5.92 -7.19 -5.02
CA THR A 43 5.83 -6.07 -5.88
C THR A 43 4.44 -6.01 -6.47
N PHE A 44 3.75 -4.93 -6.21
CA PHE A 44 2.40 -4.73 -6.69
C PHE A 44 2.33 -3.44 -7.49
N ASP A 45 1.22 -3.24 -8.16
CA ASP A 45 0.97 -2.03 -8.89
C ASP A 45 0.31 -1.04 -7.93
N ALA A 46 0.65 0.21 -8.05
CA ALA A 46 0.12 1.28 -7.20
C ALA A 46 -1.38 1.45 -7.43
N ARG A 47 -1.81 1.13 -8.61
CA ARG A 47 -3.23 1.15 -8.99
C ARG A 47 -4.03 0.05 -8.26
N LEU A 48 -3.33 -0.90 -7.67
CA LEU A 48 -3.94 -1.97 -6.89
C LEU A 48 -3.96 -1.63 -5.40
N LEU A 49 -3.07 -0.77 -5.00
CA LEU A 49 -2.91 -0.44 -3.61
C LEU A 49 -3.69 0.78 -3.20
N ARG A 50 -4.13 0.73 -1.99
CA ARG A 50 -4.90 1.78 -1.38
C ARG A 50 -4.15 2.26 -0.15
N VAL A 51 -4.04 3.55 0.02
CA VAL A 51 -3.24 4.15 1.09
C VAL A 51 -3.87 3.95 2.46
N LYS A 52 -3.05 4.00 3.51
CA LYS A 52 -3.54 3.83 4.86
C LYS A 52 -4.00 5.15 5.42
N LYS A 53 -3.59 6.23 4.80
CA LYS A 53 -4.01 7.50 5.28
C LYS A 53 -5.37 7.90 4.73
N TRP A 54 -6.37 7.22 5.25
CA TRP A 54 -7.77 7.51 4.97
C TRP A 54 -8.34 8.29 6.12
N LEU A 55 -7.43 8.73 6.96
CA LEU A 55 -7.74 9.47 8.16
C LEU A 55 -7.89 10.96 7.82
N GLU A 56 -7.86 11.26 6.52
CA GLU A 56 -7.93 12.61 6.02
C GLU A 56 -9.27 13.33 6.31
N HIS A 57 -10.38 12.66 6.07
CA HIS A 57 -11.68 13.27 6.40
C HIS A 57 -11.94 13.19 7.90
N HIS A 58 -11.23 12.25 8.53
CA HIS A 58 -11.19 12.05 9.98
C HIS A 58 -12.55 11.61 10.56
N HIS A 59 -12.58 10.44 11.14
CA HIS A 59 -13.77 9.93 11.74
C HIS A 59 -13.48 9.44 13.15
N HIS A 60 -13.66 10.30 14.11
CA HIS A 60 -13.44 9.94 15.49
C HIS A 60 -14.75 10.05 16.23
N HIS A 61 -15.35 11.21 16.14
CA HIS A 61 -16.63 11.42 16.75
C HIS A 61 -17.60 11.80 15.66
N HIS A 62 -18.83 11.40 15.80
CA HIS A 62 -19.85 11.74 14.85
C HIS A 62 -21.01 12.37 15.58
N MET A 1 3.93 9.66 -10.46
CA MET A 1 3.69 8.85 -9.25
C MET A 1 2.32 9.16 -8.70
N ASP A 2 1.88 8.39 -7.72
CA ASP A 2 0.62 8.68 -7.05
C ASP A 2 0.88 9.35 -5.71
N GLY A 3 2.09 9.19 -5.19
CA GLY A 3 2.43 9.84 -3.94
C GLY A 3 2.59 8.90 -2.76
N PHE A 4 2.78 7.62 -3.02
CA PHE A 4 3.05 6.68 -1.94
C PHE A 4 4.49 6.88 -1.50
N ASP A 5 4.73 6.83 -0.22
CA ASP A 5 6.08 6.99 0.29
C ASP A 5 6.42 5.74 1.09
N ARG A 6 7.68 5.55 1.39
CA ARG A 6 8.12 4.38 2.11
C ARG A 6 7.59 4.39 3.56
N GLY A 7 7.19 3.23 4.03
CA GLY A 7 6.66 3.11 5.37
C GLY A 7 5.16 3.19 5.40
N ALA A 8 4.57 3.58 4.26
CA ALA A 8 3.11 3.72 4.14
C ALA A 8 2.41 2.39 4.28
N ASP A 9 1.35 2.38 5.06
CA ASP A 9 0.56 1.18 5.28
C ASP A 9 -0.52 1.13 4.23
N VAL A 10 -0.62 0.04 3.52
CA VAL A 10 -1.59 -0.09 2.45
C VAL A 10 -2.46 -1.30 2.66
N THR A 11 -3.66 -1.23 2.18
CA THR A 11 -4.52 -2.34 2.21
C THR A 11 -4.74 -2.88 0.82
N TYR A 12 -4.49 -4.13 0.68
CA TYR A 12 -4.64 -4.83 -0.54
C TYR A 12 -5.60 -5.95 -0.35
N THR A 13 -6.56 -6.03 -1.18
CA THR A 13 -7.48 -7.08 -1.09
C THR A 13 -7.06 -8.14 -2.11
N ASP A 14 -6.90 -9.35 -1.64
CA ASP A 14 -6.36 -10.42 -2.45
C ASP A 14 -7.38 -10.89 -3.44
N SER A 15 -6.93 -11.66 -4.40
CA SER A 15 -7.79 -12.23 -5.42
C SER A 15 -8.77 -13.24 -4.77
N ASP A 16 -8.39 -13.70 -3.58
CA ASP A 16 -9.18 -14.64 -2.78
C ASP A 16 -10.30 -13.90 -2.02
N GLY A 17 -10.22 -12.59 -2.00
CA GLY A 17 -11.21 -11.80 -1.28
C GLY A 17 -10.75 -11.48 0.13
N SER A 18 -9.56 -11.94 0.46
CA SER A 18 -8.98 -11.68 1.73
C SER A 18 -8.46 -10.25 1.75
N LYS A 19 -8.47 -9.62 2.88
CA LYS A 19 -7.96 -8.28 2.99
C LYS A 19 -6.64 -8.33 3.70
N LYS A 20 -5.59 -7.97 3.02
CA LYS A 20 -4.28 -8.04 3.56
C LYS A 20 -3.67 -6.65 3.62
N THR A 21 -2.86 -6.40 4.61
CA THR A 21 -2.27 -5.11 4.78
C THR A 21 -0.75 -5.23 4.58
N TYR A 22 -0.17 -4.31 3.84
CA TYR A 22 1.25 -4.35 3.53
C TYR A 22 1.82 -2.96 3.81
N LYS A 23 3.13 -2.84 3.83
CA LYS A 23 3.74 -1.54 3.96
C LYS A 23 4.76 -1.30 2.88
N VAL A 24 4.79 -0.08 2.35
CA VAL A 24 5.67 0.26 1.25
C VAL A 24 7.15 0.28 1.70
N LEU A 25 8.01 -0.37 0.95
CA LEU A 25 9.43 -0.45 1.27
C LEU A 25 10.17 0.51 0.37
N SER A 26 9.87 0.41 -0.88
CA SER A 26 10.45 1.21 -1.91
C SER A 26 9.39 1.47 -2.96
N TYR A 27 9.49 2.57 -3.63
CA TYR A 27 8.46 3.00 -4.52
C TYR A 27 9.07 3.35 -5.89
N SER A 28 8.54 2.75 -6.94
CA SER A 28 9.04 2.98 -8.27
C SER A 28 7.88 3.16 -9.27
N GLY A 29 7.61 4.41 -9.62
CA GLY A 29 6.53 4.72 -10.54
C GLY A 29 5.17 4.35 -9.97
N ASP A 30 4.50 3.42 -10.62
CA ASP A 30 3.18 2.94 -10.19
C ASP A 30 3.37 1.56 -9.54
N LYS A 31 4.61 1.17 -9.38
CA LYS A 31 4.90 -0.10 -8.77
C LYS A 31 5.40 0.11 -7.37
N VAL A 32 4.82 -0.60 -6.46
CA VAL A 32 5.10 -0.44 -5.09
C VAL A 32 5.65 -1.73 -4.51
N THR A 33 6.83 -1.66 -3.99
CA THR A 33 7.42 -2.79 -3.31
C THR A 33 7.01 -2.70 -1.85
N VAL A 34 6.39 -3.75 -1.35
CA VAL A 34 5.85 -3.74 -0.02
C VAL A 34 6.28 -4.99 0.75
N GLN A 35 5.99 -5.02 2.03
CA GLN A 35 6.25 -6.18 2.85
C GLN A 35 4.96 -6.69 3.46
N ASP A 36 4.84 -8.00 3.50
CA ASP A 36 3.65 -8.70 3.94
C ASP A 36 3.70 -8.90 5.46
N SER A 37 2.58 -9.33 6.04
CA SER A 37 2.46 -9.62 7.46
C SER A 37 3.45 -10.73 7.87
N ASP A 38 3.69 -11.64 6.95
CA ASP A 38 4.59 -12.76 7.13
C ASP A 38 6.02 -12.32 6.84
N GLY A 39 6.15 -11.15 6.24
CA GLY A 39 7.44 -10.56 5.93
C GLY A 39 7.86 -10.78 4.51
N ARG A 40 6.99 -11.36 3.73
CA ARG A 40 7.24 -11.57 2.32
C ARG A 40 7.32 -10.22 1.66
N THR A 41 8.11 -10.07 0.67
CA THR A 41 8.21 -8.82 0.00
C THR A 41 7.65 -8.94 -1.41
N LEU A 42 6.72 -8.07 -1.75
CA LEU A 42 6.02 -8.17 -3.01
C LEU A 42 6.01 -6.83 -3.71
N THR A 43 5.80 -6.85 -4.98
CA THR A 43 5.63 -5.64 -5.73
C THR A 43 4.23 -5.63 -6.34
N PHE A 44 3.49 -4.60 -6.03
CA PHE A 44 2.13 -4.45 -6.48
C PHE A 44 1.97 -3.16 -7.25
N ASP A 45 0.84 -3.03 -7.89
CA ASP A 45 0.47 -1.83 -8.59
C ASP A 45 -0.13 -0.86 -7.59
N ALA A 46 0.30 0.37 -7.66
CA ALA A 46 -0.15 1.43 -6.76
C ALA A 46 -1.64 1.66 -6.90
N ARG A 47 -2.09 1.53 -8.13
CA ARG A 47 -3.51 1.65 -8.49
C ARG A 47 -4.41 0.60 -7.77
N LEU A 48 -3.78 -0.42 -7.21
CA LEU A 48 -4.49 -1.44 -6.43
C LEU A 48 -4.45 -1.16 -4.92
N LEU A 49 -3.40 -0.51 -4.48
CA LEU A 49 -3.14 -0.28 -3.06
C LEU A 49 -3.77 0.99 -2.55
N ARG A 50 -4.58 0.86 -1.53
CA ARG A 50 -5.15 2.02 -0.89
C ARG A 50 -4.45 2.25 0.43
N VAL A 51 -4.03 3.46 0.67
CA VAL A 51 -3.30 3.81 1.88
C VAL A 51 -4.21 3.86 3.10
N LYS A 52 -3.68 3.46 4.22
CA LYS A 52 -4.40 3.51 5.45
C LYS A 52 -3.87 4.53 6.43
N LYS A 53 -4.21 5.78 6.15
CA LYS A 53 -4.02 6.89 7.08
C LYS A 53 -2.57 7.08 7.54
N TRP A 54 -1.62 7.00 6.63
CA TRP A 54 -0.24 7.22 7.01
C TRP A 54 -0.01 8.70 7.29
N LEU A 55 -0.81 9.55 6.65
CA LEU A 55 -0.74 10.99 6.89
C LEU A 55 -1.50 11.36 8.15
N GLU A 56 -2.34 10.45 8.62
CA GLU A 56 -3.13 10.66 9.83
C GLU A 56 -2.19 10.69 11.03
N HIS A 57 -1.29 9.70 11.10
CA HIS A 57 -0.28 9.74 12.15
C HIS A 57 0.82 10.70 11.74
N HIS A 58 0.94 10.85 10.41
CA HIS A 58 1.86 11.76 9.74
C HIS A 58 3.32 11.34 9.99
N HIS A 59 3.88 11.77 11.10
CA HIS A 59 5.25 11.41 11.52
C HIS A 59 5.44 11.69 12.98
N HIS A 60 4.75 12.75 13.47
CA HIS A 60 4.77 13.18 14.89
C HIS A 60 6.10 13.84 15.24
N HIS A 61 7.17 13.08 15.12
CA HIS A 61 8.52 13.56 15.31
C HIS A 61 9.50 12.52 14.82
N HIS A 62 9.79 12.58 13.57
CA HIS A 62 10.68 11.63 12.98
C HIS A 62 11.56 12.36 12.01
N MET A 1 3.98 11.38 -8.76
CA MET A 1 3.95 10.55 -7.56
C MET A 1 2.52 10.53 -7.01
N ASP A 2 1.95 9.33 -6.85
CA ASP A 2 0.55 9.21 -6.42
C ASP A 2 0.39 9.48 -4.91
N GLY A 3 1.49 9.44 -4.18
CA GLY A 3 1.44 9.78 -2.76
C GLY A 3 1.68 8.63 -1.79
N PHE A 4 2.27 7.56 -2.26
CA PHE A 4 2.65 6.46 -1.36
C PHE A 4 4.04 6.74 -0.82
N ASP A 5 4.24 6.47 0.44
CA ASP A 5 5.50 6.75 1.11
C ASP A 5 6.10 5.47 1.66
N ARG A 6 7.41 5.44 1.81
CA ARG A 6 8.05 4.27 2.35
C ARG A 6 7.77 4.09 3.84
N GLY A 7 7.26 2.93 4.18
CA GLY A 7 6.85 2.65 5.52
C GLY A 7 5.34 2.73 5.66
N ALA A 8 4.67 3.13 4.60
CA ALA A 8 3.22 3.28 4.59
C ALA A 8 2.51 1.95 4.62
N ASP A 9 1.38 1.91 5.29
CA ASP A 9 0.51 0.75 5.29
C ASP A 9 -0.44 0.86 4.12
N VAL A 10 -0.57 -0.19 3.39
CA VAL A 10 -1.50 -0.21 2.27
C VAL A 10 -2.47 -1.35 2.42
N THR A 11 -3.65 -1.17 1.89
CA THR A 11 -4.66 -2.18 1.95
C THR A 11 -4.81 -2.86 0.60
N TYR A 12 -4.73 -4.16 0.61
CA TYR A 12 -4.85 -4.97 -0.58
C TYR A 12 -5.75 -6.15 -0.32
N THR A 13 -6.57 -6.48 -1.28
CA THR A 13 -7.41 -7.64 -1.20
C THR A 13 -7.04 -8.62 -2.30
N ASP A 14 -6.86 -9.87 -1.92
CA ASP A 14 -6.60 -10.94 -2.90
C ASP A 14 -7.87 -11.29 -3.62
N SER A 15 -7.78 -12.24 -4.53
CA SER A 15 -8.92 -12.70 -5.31
C SER A 15 -10.00 -13.34 -4.40
N ASP A 16 -9.62 -13.67 -3.18
CA ASP A 16 -10.55 -14.22 -2.17
C ASP A 16 -11.14 -13.11 -1.32
N GLY A 17 -10.72 -11.90 -1.59
CA GLY A 17 -11.18 -10.76 -0.82
C GLY A 17 -10.47 -10.69 0.50
N SER A 18 -9.40 -11.43 0.62
CA SER A 18 -8.62 -11.42 1.81
C SER A 18 -7.91 -10.09 1.96
N LYS A 19 -8.30 -9.38 2.98
CA LYS A 19 -7.81 -8.08 3.26
C LYS A 19 -6.47 -8.19 3.92
N LYS A 20 -5.46 -7.82 3.21
CA LYS A 20 -4.14 -7.91 3.69
C LYS A 20 -3.52 -6.53 3.66
N THR A 21 -2.69 -6.25 4.62
CA THR A 21 -2.11 -4.96 4.73
C THR A 21 -0.58 -5.09 4.60
N TYR A 22 0.01 -4.24 3.80
CA TYR A 22 1.45 -4.32 3.54
C TYR A 22 2.11 -2.99 3.90
N LYS A 23 3.43 -3.02 4.01
CA LYS A 23 4.25 -1.83 4.23
C LYS A 23 5.03 -1.51 2.97
N VAL A 24 4.96 -0.28 2.50
CA VAL A 24 5.70 0.13 1.32
C VAL A 24 7.20 0.19 1.64
N LEU A 25 8.03 -0.41 0.80
CA LEU A 25 9.47 -0.43 1.04
C LEU A 25 10.12 0.67 0.23
N SER A 26 9.76 0.71 -1.02
CA SER A 26 10.29 1.66 -1.94
C SER A 26 9.21 1.93 -2.95
N TYR A 27 9.25 3.09 -3.56
CA TYR A 27 8.21 3.47 -4.46
C TYR A 27 8.82 3.89 -5.79
N SER A 28 8.39 3.28 -6.88
CA SER A 28 8.88 3.65 -8.18
C SER A 28 7.76 3.69 -9.23
N GLY A 29 7.29 4.90 -9.53
CA GLY A 29 6.27 5.11 -10.55
C GLY A 29 4.97 4.38 -10.27
N ASP A 30 4.72 3.34 -11.05
CA ASP A 30 3.50 2.55 -10.91
C ASP A 30 3.73 1.31 -10.07
N LYS A 31 4.98 1.00 -9.81
CA LYS A 31 5.29 -0.20 -9.07
C LYS A 31 5.72 0.10 -7.67
N VAL A 32 5.15 -0.62 -6.76
CA VAL A 32 5.41 -0.45 -5.36
C VAL A 32 5.94 -1.76 -4.80
N THR A 33 7.10 -1.71 -4.20
CA THR A 33 7.63 -2.86 -3.53
C THR A 33 7.21 -2.77 -2.08
N VAL A 34 6.62 -3.81 -1.56
CA VAL A 34 6.07 -3.79 -0.22
C VAL A 34 6.51 -5.02 0.57
N GLN A 35 6.28 -4.99 1.85
CA GLN A 35 6.52 -6.11 2.73
C GLN A 35 5.23 -6.45 3.43
N ASP A 36 4.96 -7.72 3.51
CA ASP A 36 3.73 -8.21 4.10
C ASP A 36 3.88 -8.34 5.61
N SER A 37 2.78 -8.56 6.27
CA SER A 37 2.71 -8.80 7.68
C SER A 37 3.54 -10.05 8.04
N ASP A 38 3.55 -11.03 7.13
CA ASP A 38 4.33 -12.26 7.32
C ASP A 38 5.78 -12.00 6.93
N GLY A 39 6.00 -10.87 6.28
CA GLY A 39 7.33 -10.44 5.90
C GLY A 39 7.68 -10.73 4.49
N ARG A 40 6.72 -11.16 3.72
CA ARG A 40 6.94 -11.45 2.32
C ARG A 40 7.11 -10.14 1.59
N THR A 41 7.95 -10.11 0.63
CA THR A 41 8.15 -8.90 -0.10
C THR A 41 7.58 -9.04 -1.50
N LEU A 42 6.72 -8.13 -1.88
CA LEU A 42 6.02 -8.25 -3.14
C LEU A 42 6.10 -6.94 -3.88
N THR A 43 5.89 -6.98 -5.15
CA THR A 43 5.86 -5.80 -5.96
C THR A 43 4.49 -5.71 -6.64
N PHE A 44 3.76 -4.68 -6.35
CA PHE A 44 2.43 -4.51 -6.87
C PHE A 44 2.31 -3.21 -7.62
N ASP A 45 1.21 -3.05 -8.32
CA ASP A 45 0.89 -1.83 -8.99
C ASP A 45 0.28 -0.90 -7.97
N ALA A 46 0.63 0.34 -8.02
CA ALA A 46 0.16 1.37 -7.07
C ALA A 46 -1.36 1.56 -7.16
N ARG A 47 -1.92 1.23 -8.30
CA ARG A 47 -3.37 1.31 -8.51
C ARG A 47 -4.10 0.19 -7.74
N LEU A 48 -3.36 -0.81 -7.33
CA LEU A 48 -3.91 -1.95 -6.60
C LEU A 48 -3.91 -1.69 -5.09
N LEU A 49 -3.09 -0.76 -4.69
CA LEU A 49 -2.90 -0.44 -3.31
C LEU A 49 -3.67 0.79 -2.93
N ARG A 50 -4.37 0.71 -1.85
CA ARG A 50 -5.07 1.85 -1.33
C ARG A 50 -4.48 2.16 0.03
N VAL A 51 -4.08 3.39 0.25
CA VAL A 51 -3.39 3.79 1.47
C VAL A 51 -4.22 3.58 2.74
N LYS A 52 -3.57 3.05 3.75
CA LYS A 52 -4.15 2.92 5.05
C LYS A 52 -3.83 4.18 5.83
N LYS A 53 -4.49 5.24 5.45
CA LYS A 53 -4.29 6.56 6.01
C LYS A 53 -5.63 7.23 6.05
N TRP A 54 -5.69 8.37 6.67
CA TRP A 54 -6.94 9.11 6.71
C TRP A 54 -6.94 10.08 5.54
N LEU A 55 -8.08 10.76 5.32
CA LEU A 55 -8.26 11.69 4.18
C LEU A 55 -8.34 10.93 2.85
N GLU A 56 -8.44 9.62 2.93
CA GLU A 56 -8.52 8.77 1.76
C GLU A 56 -9.84 9.03 1.05
N HIS A 57 -10.93 8.95 1.79
CA HIS A 57 -12.27 9.17 1.24
C HIS A 57 -12.52 10.67 1.05
N HIS A 58 -11.77 11.46 1.78
CA HIS A 58 -11.90 12.90 1.70
C HIS A 58 -11.32 13.39 0.38
N HIS A 59 -10.15 12.92 0.04
CA HIS A 59 -9.50 13.37 -1.17
C HIS A 59 -9.87 12.50 -2.38
N HIS A 60 -10.00 11.20 -2.20
CA HIS A 60 -10.34 10.33 -3.33
C HIS A 60 -11.83 10.42 -3.64
N HIS A 61 -12.14 11.44 -4.41
CA HIS A 61 -13.47 11.80 -4.87
C HIS A 61 -13.34 13.14 -5.55
N HIS A 62 -12.44 13.93 -5.01
CA HIS A 62 -12.12 15.23 -5.51
C HIS A 62 -10.87 15.72 -4.79
N MET A 1 5.60 10.90 -4.95
CA MET A 1 4.80 10.87 -6.19
C MET A 1 3.32 11.01 -5.89
N ASP A 2 2.69 9.97 -5.38
CA ASP A 2 1.26 10.03 -5.11
C ASP A 2 0.99 10.17 -3.63
N GLY A 3 2.04 10.12 -2.84
CA GLY A 3 1.85 10.24 -1.41
C GLY A 3 2.13 8.96 -0.66
N PHE A 4 2.68 7.98 -1.34
CA PHE A 4 3.08 6.76 -0.66
C PHE A 4 4.50 6.94 -0.20
N ASP A 5 4.78 6.55 1.01
CA ASP A 5 6.13 6.62 1.54
C ASP A 5 6.55 5.26 2.02
N ARG A 6 7.81 5.08 2.29
CA ARG A 6 8.25 3.83 2.83
C ARG A 6 7.78 3.66 4.27
N GLY A 7 7.12 2.57 4.52
CA GLY A 7 6.54 2.33 5.81
C GLY A 7 5.07 2.63 5.82
N ALA A 8 4.55 3.05 4.67
CA ALA A 8 3.13 3.33 4.53
C ALA A 8 2.35 2.04 4.47
N ASP A 9 1.26 1.98 5.21
CA ASP A 9 0.40 0.81 5.24
C ASP A 9 -0.62 0.88 4.12
N VAL A 10 -0.65 -0.13 3.31
CA VAL A 10 -1.57 -0.19 2.19
C VAL A 10 -2.46 -1.41 2.32
N THR A 11 -3.64 -1.31 1.81
CA THR A 11 -4.54 -2.40 1.82
C THR A 11 -4.66 -2.97 0.41
N TYR A 12 -4.59 -4.26 0.33
CA TYR A 12 -4.66 -5.00 -0.91
C TYR A 12 -5.65 -6.14 -0.77
N THR A 13 -6.46 -6.36 -1.75
CA THR A 13 -7.40 -7.43 -1.70
C THR A 13 -6.85 -8.66 -2.41
N ASP A 14 -6.82 -9.75 -1.70
CA ASP A 14 -6.37 -11.01 -2.24
C ASP A 14 -7.44 -11.64 -3.11
N SER A 15 -7.13 -12.79 -3.66
CA SER A 15 -8.02 -13.49 -4.55
C SER A 15 -9.34 -13.95 -3.87
N ASP A 16 -9.39 -13.89 -2.54
CA ASP A 16 -10.62 -14.24 -1.80
C ASP A 16 -11.39 -12.98 -1.51
N GLY A 17 -10.75 -11.86 -1.76
CA GLY A 17 -11.35 -10.57 -1.51
C GLY A 17 -11.07 -10.10 -0.12
N SER A 18 -10.09 -10.70 0.52
CA SER A 18 -9.75 -10.30 1.86
C SER A 18 -8.78 -9.15 1.77
N LYS A 19 -8.92 -8.18 2.65
CA LYS A 19 -8.03 -7.07 2.66
C LYS A 19 -6.79 -7.42 3.45
N LYS A 20 -5.72 -7.53 2.76
CA LYS A 20 -4.45 -7.86 3.31
C LYS A 20 -3.64 -6.59 3.32
N THR A 21 -2.86 -6.39 4.33
CA THR A 21 -2.17 -5.13 4.47
C THR A 21 -0.66 -5.29 4.33
N TYR A 22 -0.07 -4.38 3.56
CA TYR A 22 1.34 -4.41 3.28
C TYR A 22 1.95 -3.06 3.61
N LYS A 23 3.26 -3.02 3.69
CA LYS A 23 3.98 -1.79 3.95
C LYS A 23 4.84 -1.45 2.77
N VAL A 24 4.78 -0.22 2.33
CA VAL A 24 5.57 0.21 1.17
C VAL A 24 7.06 0.25 1.52
N LEU A 25 7.91 -0.29 0.67
CA LEU A 25 9.36 -0.30 0.91
C LEU A 25 10.00 0.71 -0.01
N SER A 26 9.63 0.64 -1.26
CA SER A 26 10.17 1.48 -2.29
C SER A 26 9.04 1.76 -3.27
N TYR A 27 9.12 2.87 -3.95
CA TYR A 27 8.05 3.26 -4.82
C TYR A 27 8.61 3.85 -6.09
N SER A 28 8.23 3.30 -7.23
CA SER A 28 8.63 3.83 -8.50
C SER A 28 7.46 3.84 -9.49
N GLY A 29 6.84 5.00 -9.64
CA GLY A 29 5.75 5.17 -10.57
C GLY A 29 4.56 4.27 -10.31
N ASP A 30 4.37 3.31 -11.19
CA ASP A 30 3.26 2.36 -11.15
C ASP A 30 3.58 1.13 -10.31
N LYS A 31 4.83 0.98 -9.94
CA LYS A 31 5.25 -0.17 -9.17
C LYS A 31 5.59 0.18 -7.75
N VAL A 32 5.04 -0.60 -6.84
CA VAL A 32 5.25 -0.40 -5.45
C VAL A 32 5.82 -1.68 -4.85
N THR A 33 6.97 -1.57 -4.26
CA THR A 33 7.57 -2.68 -3.59
C THR A 33 7.11 -2.62 -2.13
N VAL A 34 6.61 -3.71 -1.61
CA VAL A 34 6.03 -3.71 -0.27
C VAL A 34 6.52 -4.93 0.52
N GLN A 35 6.20 -4.94 1.79
CA GLN A 35 6.47 -6.06 2.67
C GLN A 35 5.17 -6.47 3.34
N ASP A 36 5.02 -7.75 3.58
CA ASP A 36 3.81 -8.28 4.19
C ASP A 36 4.04 -8.47 5.69
N SER A 37 2.99 -8.76 6.43
CA SER A 37 3.07 -9.00 7.86
C SER A 37 3.91 -10.26 8.13
N ASP A 38 3.98 -11.17 7.16
CA ASP A 38 4.79 -12.37 7.27
C ASP A 38 6.25 -12.01 6.94
N GLY A 39 6.42 -10.82 6.40
CA GLY A 39 7.72 -10.28 6.08
C GLY A 39 8.13 -10.51 4.67
N ARG A 40 7.28 -11.14 3.90
CA ARG A 40 7.57 -11.39 2.51
C ARG A 40 7.51 -10.08 1.79
N THR A 41 8.36 -9.89 0.85
CA THR A 41 8.35 -8.68 0.12
C THR A 41 7.81 -8.93 -1.28
N LEU A 42 6.93 -8.07 -1.73
CA LEU A 42 6.28 -8.26 -3.01
C LEU A 42 6.26 -6.95 -3.75
N THR A 43 6.09 -7.01 -5.03
CA THR A 43 5.93 -5.83 -5.81
C THR A 43 4.53 -5.85 -6.43
N PHE A 44 3.79 -4.81 -6.18
CA PHE A 44 2.44 -4.70 -6.67
C PHE A 44 2.26 -3.46 -7.52
N ASP A 45 1.14 -3.40 -8.20
CA ASP A 45 0.76 -2.25 -8.94
C ASP A 45 0.18 -1.23 -8.03
N ALA A 46 0.62 -0.02 -8.17
CA ALA A 46 0.14 1.12 -7.36
C ALA A 46 -1.39 1.24 -7.43
N ARG A 47 -1.95 0.97 -8.61
CA ARG A 47 -3.40 0.98 -8.84
C ARG A 47 -4.14 -0.08 -7.99
N LEU A 48 -3.41 -1.06 -7.52
CA LEU A 48 -3.97 -2.14 -6.73
C LEU A 48 -3.90 -1.84 -5.24
N LEU A 49 -3.19 -0.81 -4.87
CA LEU A 49 -3.02 -0.43 -3.50
C LEU A 49 -3.90 0.72 -3.12
N ARG A 50 -4.30 0.72 -1.90
CA ARG A 50 -5.09 1.78 -1.33
C ARG A 50 -4.49 2.08 0.03
N VAL A 51 -4.31 3.34 0.34
CA VAL A 51 -3.64 3.74 1.56
C VAL A 51 -4.57 3.62 2.77
N LYS A 52 -4.02 3.12 3.87
CA LYS A 52 -4.77 3.03 5.12
C LYS A 52 -5.02 4.43 5.67
N LYS A 53 -3.98 5.22 5.70
CA LYS A 53 -4.04 6.58 6.22
C LYS A 53 -4.29 7.59 5.10
N TRP A 54 -5.16 7.23 4.16
CA TRP A 54 -5.49 8.07 2.97
C TRP A 54 -5.95 9.49 3.36
N LEU A 55 -6.35 9.65 4.61
CA LEU A 55 -6.79 10.92 5.16
C LEU A 55 -5.70 11.98 5.00
N GLU A 56 -4.44 11.56 5.14
CA GLU A 56 -3.30 12.46 5.02
C GLU A 56 -3.15 12.96 3.59
N HIS A 57 -3.54 12.12 2.65
CA HIS A 57 -3.38 12.38 1.24
C HIS A 57 -4.31 13.51 0.80
N HIS A 58 -5.57 13.44 1.25
CA HIS A 58 -6.61 14.46 0.95
C HIS A 58 -6.93 14.57 -0.54
N HIS A 59 -8.01 15.27 -0.83
CA HIS A 59 -8.44 15.58 -2.19
C HIS A 59 -9.60 16.55 -2.11
N HIS A 60 -9.34 17.79 -2.33
CA HIS A 60 -10.37 18.79 -2.30
C HIS A 60 -10.90 19.05 -3.70
N HIS A 61 -12.18 18.81 -3.89
CA HIS A 61 -12.77 19.03 -5.19
C HIS A 61 -13.54 20.37 -5.22
N HIS A 62 -14.33 20.61 -4.17
CA HIS A 62 -15.15 21.81 -4.05
C HIS A 62 -15.81 21.82 -2.68
N MET A 1 2.71 9.74 -9.24
CA MET A 1 3.00 9.86 -7.80
C MET A 1 1.68 9.66 -7.06
N ASP A 2 1.50 8.48 -6.48
CA ASP A 2 0.24 8.13 -5.80
C ASP A 2 0.22 8.45 -4.31
N GLY A 3 1.28 9.07 -3.81
CA GLY A 3 1.28 9.51 -2.43
C GLY A 3 1.72 8.46 -1.43
N PHE A 4 2.37 7.42 -1.91
CA PHE A 4 2.85 6.40 -1.02
C PHE A 4 4.26 6.69 -0.56
N ASP A 5 4.52 6.44 0.69
CA ASP A 5 5.80 6.69 1.32
C ASP A 5 6.33 5.37 1.88
N ARG A 6 7.59 5.30 2.20
CA ARG A 6 8.14 4.07 2.75
C ARG A 6 7.65 3.83 4.17
N GLY A 7 7.30 2.60 4.46
CA GLY A 7 6.77 2.27 5.76
C GLY A 7 5.28 2.49 5.84
N ALA A 8 4.69 2.86 4.71
CA ALA A 8 3.27 3.14 4.64
C ALA A 8 2.45 1.89 4.67
N ASP A 9 1.29 2.01 5.26
CA ASP A 9 0.31 0.94 5.28
C ASP A 9 -0.60 1.11 4.13
N VAL A 10 -0.65 0.12 3.31
CA VAL A 10 -1.51 0.16 2.16
C VAL A 10 -2.51 -0.96 2.29
N THR A 11 -3.67 -0.77 1.74
CA THR A 11 -4.66 -1.77 1.83
C THR A 11 -4.96 -2.36 0.48
N TYR A 12 -4.86 -3.63 0.43
CA TYR A 12 -5.05 -4.38 -0.77
C TYR A 12 -5.98 -5.52 -0.48
N THR A 13 -6.99 -5.69 -1.26
CA THR A 13 -7.83 -6.80 -1.04
C THR A 13 -7.34 -7.88 -1.97
N ASP A 14 -6.89 -8.96 -1.38
CA ASP A 14 -6.20 -9.99 -2.09
C ASP A 14 -7.17 -10.89 -2.86
N SER A 15 -6.64 -11.71 -3.74
CA SER A 15 -7.40 -12.63 -4.55
C SER A 15 -8.02 -13.72 -3.65
N ASP A 16 -7.46 -13.84 -2.45
CA ASP A 16 -7.97 -14.75 -1.42
C ASP A 16 -9.22 -14.15 -0.77
N GLY A 17 -9.46 -12.88 -1.03
CA GLY A 17 -10.62 -12.17 -0.52
C GLY A 17 -10.34 -11.49 0.79
N SER A 18 -9.24 -11.82 1.38
CA SER A 18 -8.83 -11.22 2.61
C SER A 18 -8.29 -9.82 2.33
N LYS A 19 -8.68 -8.87 3.15
CA LYS A 19 -8.18 -7.53 3.01
C LYS A 19 -6.84 -7.50 3.70
N LYS A 20 -5.80 -7.36 2.93
CA LYS A 20 -4.49 -7.52 3.42
C LYS A 20 -3.76 -6.19 3.37
N THR A 21 -2.97 -5.95 4.37
CA THR A 21 -2.25 -4.71 4.47
C THR A 21 -0.75 -4.98 4.35
N TYR A 22 -0.05 -4.08 3.72
CA TYR A 22 1.37 -4.24 3.46
C TYR A 22 2.13 -2.97 3.86
N LYS A 23 3.44 -3.09 3.98
CA LYS A 23 4.34 -1.95 4.27
C LYS A 23 5.11 -1.61 3.01
N VAL A 24 5.14 -0.36 2.63
CA VAL A 24 5.86 0.05 1.43
C VAL A 24 7.39 0.06 1.70
N LEU A 25 8.15 -0.58 0.83
CA LEU A 25 9.61 -0.67 1.01
C LEU A 25 10.28 0.29 0.05
N SER A 26 9.86 0.21 -1.19
CA SER A 26 10.44 0.96 -2.27
C SER A 26 9.32 1.42 -3.17
N TYR A 27 9.54 2.50 -3.87
CA TYR A 27 8.52 3.03 -4.72
C TYR A 27 9.16 3.37 -6.06
N SER A 28 8.59 2.87 -7.12
CA SER A 28 9.10 3.13 -8.43
C SER A 28 7.97 3.41 -9.40
N GLY A 29 7.75 4.69 -9.68
CA GLY A 29 6.74 5.13 -10.63
C GLY A 29 5.35 4.61 -10.32
N ASP A 30 4.90 3.65 -11.11
CA ASP A 30 3.57 3.07 -10.98
C ASP A 30 3.62 1.74 -10.23
N LYS A 31 4.79 1.38 -9.77
CA LYS A 31 5.00 0.12 -9.06
C LYS A 31 5.42 0.39 -7.63
N VAL A 32 4.92 -0.41 -6.74
CA VAL A 32 5.22 -0.29 -5.34
C VAL A 32 5.76 -1.61 -4.83
N THR A 33 6.86 -1.57 -4.13
CA THR A 33 7.42 -2.73 -3.53
C THR A 33 7.02 -2.71 -2.06
N VAL A 34 6.48 -3.79 -1.57
CA VAL A 34 5.94 -3.83 -0.24
C VAL A 34 6.35 -5.11 0.46
N GLN A 35 6.12 -5.18 1.74
CA GLN A 35 6.33 -6.37 2.52
C GLN A 35 5.07 -6.63 3.29
N ASP A 36 4.66 -7.87 3.37
CA ASP A 36 3.34 -8.18 3.96
C ASP A 36 3.46 -8.55 5.44
N SER A 37 2.33 -8.96 6.03
CA SER A 37 2.25 -9.35 7.41
C SER A 37 3.13 -10.58 7.70
N ASP A 38 3.29 -11.46 6.71
CA ASP A 38 4.12 -12.66 6.88
C ASP A 38 5.58 -12.32 6.58
N GLY A 39 5.77 -11.16 5.98
CA GLY A 39 7.09 -10.64 5.73
C GLY A 39 7.62 -10.94 4.35
N ARG A 40 6.76 -11.34 3.47
CA ARG A 40 7.13 -11.59 2.12
C ARG A 40 7.14 -10.28 1.42
N THR A 41 8.02 -10.12 0.50
CA THR A 41 8.06 -8.89 -0.20
C THR A 41 7.39 -9.04 -1.55
N LEU A 42 6.47 -8.18 -1.85
CA LEU A 42 5.72 -8.30 -3.08
C LEU A 42 5.83 -7.01 -3.87
N THR A 43 5.58 -7.10 -5.13
CA THR A 43 5.57 -5.98 -5.98
C THR A 43 4.16 -5.81 -6.52
N PHE A 44 3.60 -4.66 -6.35
CA PHE A 44 2.26 -4.39 -6.81
C PHE A 44 2.25 -3.11 -7.61
N ASP A 45 1.18 -2.90 -8.32
CA ASP A 45 0.96 -1.68 -9.02
C ASP A 45 0.38 -0.69 -8.05
N ALA A 46 0.74 0.55 -8.16
CA ALA A 46 0.24 1.60 -7.26
C ALA A 46 -1.27 1.79 -7.45
N ARG A 47 -1.75 1.38 -8.61
CA ARG A 47 -3.17 1.42 -8.94
C ARG A 47 -3.94 0.24 -8.29
N LEU A 48 -3.21 -0.66 -7.65
CA LEU A 48 -3.79 -1.79 -6.92
C LEU A 48 -3.98 -1.47 -5.43
N LEU A 49 -3.32 -0.43 -4.99
CA LEU A 49 -3.26 -0.09 -3.57
C LEU A 49 -4.20 1.01 -3.15
N ARG A 50 -5.00 0.73 -2.15
CA ARG A 50 -5.82 1.71 -1.47
C ARG A 50 -5.05 2.19 -0.26
N VAL A 51 -5.33 3.35 0.23
CA VAL A 51 -4.65 3.86 1.41
C VAL A 51 -5.31 3.35 2.68
N LYS A 52 -4.59 3.44 3.77
CA LYS A 52 -5.11 3.07 5.08
C LYS A 52 -5.48 4.33 5.85
N LYS A 53 -4.70 5.38 5.64
CA LYS A 53 -4.89 6.68 6.30
C LYS A 53 -4.70 6.65 7.80
N TRP A 54 -3.46 6.72 8.18
CA TRP A 54 -3.05 6.82 9.55
C TRP A 54 -2.07 7.98 9.60
N LEU A 55 -1.31 8.16 10.69
CA LEU A 55 -0.42 9.33 10.81
C LEU A 55 -1.26 10.58 10.81
N GLU A 56 -2.39 10.47 11.47
CA GLU A 56 -3.41 11.49 11.59
C GLU A 56 -2.92 12.86 12.07
N HIS A 57 -1.86 12.88 12.85
CA HIS A 57 -1.24 14.15 13.25
C HIS A 57 -0.41 14.72 12.11
N HIS A 58 0.37 13.86 11.47
CA HIS A 58 1.25 14.28 10.36
C HIS A 58 0.42 14.63 9.11
N HIS A 59 -0.69 13.96 8.94
CA HIS A 59 -1.59 14.27 7.84
C HIS A 59 -2.91 14.72 8.38
N HIS A 60 -3.04 16.00 8.56
CA HIS A 60 -4.27 16.57 9.03
C HIS A 60 -4.87 17.49 7.99
N HIS A 61 -5.73 16.93 7.17
CA HIS A 61 -6.32 17.67 6.08
C HIS A 61 -7.86 17.73 6.23
N HIS A 62 -8.33 17.37 7.41
CA HIS A 62 -9.75 17.41 7.69
C HIS A 62 -10.01 17.97 9.09
#